data_9K1B
#
_entry.id   9K1B
#
loop_
_entity.id
_entity.type
_entity.pdbx_description
1 polymer 'Sodium- and chloride-dependent taurine transporter'
2 polymer 'Fragment antigen binding heavy chain'
3 polymer 'Fragment antigen binding light chain'
4 non-polymer '2-AMINOETHANESULFONIC ACID'
5 non-polymer 'SODIUM ION'
6 non-polymer 'CHLORIDE ION'
#
loop_
_entity_poly.entity_id
_entity_poly.type
_entity_poly.pdbx_seq_one_letter_code
_entity_poly.pdbx_strand_id
1 'polypeptide(L)'
;MATKEKLQCLKDFHKDILKPSPGKSPGTRPEDEAEGKPPQREKWSSKIDFVLSVAGGFVGLGNVWRFPYLCYKNGGGAFL
IPYFIFLFGSGLPVFFLEIIIGQYTSEGGITCWEKICPLFSGIGYASVVIVSLLNVYYIVILAWATYYLFQSFQKELPWA
HCNHSWNTPHCMEDTMRKNKSVWITISSTNFTSPVIEFWERNVLSLSPGIDHPGSLKWDLALCLLLVWLVCFFCIWKGVR
STGKVVYFTATFPFAMLLVLLVRGLTLPGAGAGIKFYLYPDITRLEDPQVWIDAGTQIFFSYAICLGAMTSLGSYNKYHN
NVYRDCMLLGCLNSGTSFVSGFAIFSILGFMAQEQGVDIADVAESGPGLAFIAYPKAVTMMPLPTFWSILFFIMLLLLGL
DSQFVEVEGQITSLVDLYPSFLRKGYRREIFIAFVCSISYLLGLTMVTEGGMYVFQLFDYYAASGVCLLWVAFFECFVIA
WIYGGNRFSEDIRDMIGFPPGPWMKYSWAVITPVLCVGCFIFSLVKYVPLTYNKTYVYPNWAIGLGWSLALSSMLCVPLV
IVIRLCQTEGPFLVRVKYLLTPREPNRWAVEREGATPYNSRTVMNGALVKPTHIIVETMMGSDEVDAGSHHHHHHHHHHG
SVEDYKDDDDK
;
A
2 'polypeptide(L)'
;EVQLVESGGGLVKPGGSLKLSCAASGFTFSSYAMSWVRQSPEKRLEWVAEISSGGRYIYYSDTVTGRFTISRDNARNILH
LEMSSLRSEDTAMYYCARGEVRQRGFDYWGQGTTLTVS
;
H
3 'polypeptide(L)'
;ENVLTQSPAIMSTSPGEKVTMTCRASSSVGSSYLHWYQQKSGASPKLWIYSTSNLASGVPARFSGSGSGTSYSLTISSVE
AEDAATYYCQQFSGYPLTFGSGTKLEMGSDEVDAGSHHHHHHHHHHGSVEDYKDDDDK
;
L
#
loop_
_chem_comp.id
_chem_comp.type
_chem_comp.name
_chem_comp.formula
CL non-polymer 'CHLORIDE ION' 'Cl -1'
NA non-polymer 'SODIUM ION' 'Na 1'
TAU non-polymer '2-AMINOETHANESULFONIC ACID' 'C2 H7 N O3 S'
#
# COMPACT_ATOMS: atom_id res chain seq x y z
N PRO A 38 -10.98 -24.05 8.69
CA PRO A 38 -10.80 -23.92 10.13
C PRO A 38 -10.88 -22.48 10.61
N PRO A 39 -11.40 -22.24 11.82
CA PRO A 39 -11.57 -20.86 12.28
C PRO A 39 -10.26 -20.08 12.38
N GLN A 40 -9.15 -20.75 12.65
CA GLN A 40 -7.92 -20.07 13.05
C GLN A 40 -7.40 -19.16 11.94
N ARG A 41 -7.02 -17.94 12.33
CA ARG A 41 -6.34 -17.00 11.44
C ARG A 41 -5.38 -16.14 12.27
N GLU A 42 -4.16 -15.99 11.78
CA GLU A 42 -3.12 -15.28 12.53
C GLU A 42 -3.27 -13.76 12.39
N LYS A 43 -2.55 -13.04 13.24
CA LYS A 43 -2.51 -11.58 13.21
C LYS A 43 -1.12 -11.11 13.59
N TRP A 44 -0.80 -9.87 13.22
CA TRP A 44 0.48 -9.28 13.57
C TRP A 44 0.66 -9.17 15.08
N SER A 45 1.89 -9.41 15.54
CA SER A 45 2.23 -9.13 16.92
C SER A 45 2.37 -7.64 17.19
N SER A 46 2.61 -6.83 16.16
CA SER A 46 2.77 -5.40 16.33
C SER A 46 2.60 -4.72 14.99
N LYS A 47 2.38 -3.40 15.04
CA LYS A 47 2.29 -2.59 13.83
C LYS A 47 3.65 -2.47 13.15
N ILE A 48 4.73 -2.55 13.93
CA ILE A 48 6.07 -2.51 13.36
C ILE A 48 6.30 -3.72 12.49
N ASP A 49 5.74 -4.87 12.86
CA ASP A 49 5.82 -6.05 11.99
C ASP A 49 5.21 -5.76 10.63
N PHE A 50 4.03 -5.13 10.60
CA PHE A 50 3.39 -4.78 9.34
C PHE A 50 4.26 -3.80 8.54
N VAL A 51 4.74 -2.74 9.19
CA VAL A 51 5.50 -1.73 8.47
C VAL A 51 6.76 -2.34 7.89
N LEU A 52 7.45 -3.18 8.68
CA LEU A 52 8.67 -3.83 8.20
C LEU A 52 8.38 -4.76 7.03
N SER A 53 7.29 -5.54 7.12
CA SER A 53 6.97 -6.45 6.04
C SER A 53 6.66 -5.69 4.75
N VAL A 54 5.90 -4.61 4.85
CA VAL A 54 5.57 -3.83 3.65
C VAL A 54 6.82 -3.16 3.08
N ALA A 55 7.67 -2.61 3.95
CA ALA A 55 8.90 -1.98 3.48
C ALA A 55 9.82 -2.99 2.81
N GLY A 56 9.85 -4.23 3.30
CA GLY A 56 10.59 -5.27 2.62
C GLY A 56 9.98 -5.62 1.28
N GLY A 57 8.64 -5.66 1.22
CA GLY A 57 7.97 -5.99 -0.02
C GLY A 57 8.18 -4.95 -1.12
N PHE A 58 8.22 -3.68 -0.75
CA PHE A 58 8.36 -2.61 -1.73
C PHE A 58 9.76 -2.54 -2.33
N VAL A 59 10.75 -2.28 -1.49
CA VAL A 59 12.04 -1.78 -1.95
C VAL A 59 12.92 -2.96 -2.32
N GLY A 60 13.31 -3.03 -3.59
CA GLY A 60 14.14 -4.12 -4.06
C GLY A 60 14.68 -3.87 -5.45
N LEU A 61 14.93 -4.93 -6.20
CA LEU A 61 15.53 -4.78 -7.52
C LEU A 61 14.64 -4.03 -8.48
N GLY A 62 13.33 -3.99 -8.22
CA GLY A 62 12.42 -3.23 -9.06
C GLY A 62 12.74 -1.75 -9.12
N ASN A 63 13.46 -1.24 -8.12
CA ASN A 63 13.83 0.17 -8.05
C ASN A 63 15.26 0.42 -8.49
N VAL A 64 16.21 -0.41 -8.03
CA VAL A 64 17.62 -0.17 -8.30
C VAL A 64 18.10 -0.82 -9.59
N TRP A 65 17.30 -1.70 -10.21
CA TRP A 65 17.71 -2.34 -11.45
C TRP A 65 16.74 -2.05 -12.60
N ARG A 66 15.44 -2.21 -12.37
CA ARG A 66 14.50 -2.12 -13.49
C ARG A 66 14.31 -0.68 -13.94
N PHE A 67 14.13 0.25 -12.99
CA PHE A 67 13.82 1.63 -13.35
C PHE A 67 14.89 2.24 -14.23
N PRO A 68 16.19 2.13 -13.92
CA PRO A 68 17.20 2.75 -14.79
C PRO A 68 17.16 2.31 -16.25
N TYR A 69 16.97 1.02 -16.53
CA TYR A 69 17.06 0.59 -17.93
C TYR A 69 15.81 0.99 -18.70
N LEU A 70 14.64 1.01 -18.05
CA LEU A 70 13.45 1.52 -18.72
C LEU A 70 13.58 3.02 -18.98
N CYS A 71 14.21 3.76 -18.07
CA CYS A 71 14.46 5.17 -18.35
C CYS A 71 15.45 5.36 -19.49
N TYR A 72 16.54 4.59 -19.48
CA TYR A 72 17.57 4.71 -20.51
C TYR A 72 17.04 4.35 -21.89
N LYS A 73 16.27 3.25 -21.97
CA LYS A 73 15.76 2.80 -23.25
C LYS A 73 14.94 3.87 -23.95
N ASN A 74 14.21 4.68 -23.16
CA ASN A 74 13.29 5.68 -23.69
C ASN A 74 13.89 7.08 -23.71
N GLY A 75 15.21 7.19 -23.63
CA GLY A 75 15.86 8.48 -23.81
C GLY A 75 15.80 9.44 -22.64
N GLY A 76 15.78 8.92 -21.42
CA GLY A 76 15.94 9.76 -20.24
C GLY A 76 14.72 10.52 -19.78
N GLY A 77 14.74 11.85 -19.95
CA GLY A 77 13.77 12.71 -19.30
C GLY A 77 12.36 12.59 -19.82
N ALA A 78 12.19 12.10 -21.05
CA ALA A 78 10.83 11.91 -21.57
C ALA A 78 10.04 10.93 -20.72
N PHE A 79 10.73 10.07 -19.97
CA PHE A 79 10.09 9.01 -19.20
C PHE A 79 9.40 9.53 -17.94
N LEU A 80 9.79 10.70 -17.44
CA LEU A 80 9.35 11.12 -16.12
C LEU A 80 7.91 11.65 -16.12
N ILE A 81 7.48 12.29 -17.21
CA ILE A 81 6.17 12.94 -17.24
C ILE A 81 5.07 11.88 -17.11
N PRO A 82 5.00 10.89 -18.01
CA PRO A 82 4.04 9.80 -17.80
C PRO A 82 4.21 9.13 -16.45
N TYR A 83 5.45 9.02 -15.98
CA TYR A 83 5.71 8.36 -14.71
C TYR A 83 4.94 9.02 -13.58
N PHE A 84 5.11 10.34 -13.42
CA PHE A 84 4.43 11.02 -12.32
C PHE A 84 2.94 11.16 -12.56
N ILE A 85 2.52 11.33 -13.83
CA ILE A 85 1.10 11.36 -14.12
C ILE A 85 0.43 10.07 -13.62
N PHE A 86 0.99 8.92 -14.00
CA PHE A 86 0.46 7.66 -13.50
C PHE A 86 0.60 7.54 -12.00
N LEU A 87 1.76 7.92 -11.45
CA LEU A 87 1.95 7.79 -10.00
C LEU A 87 0.78 8.42 -9.27
N PHE A 88 0.64 9.75 -9.37
CA PHE A 88 -0.38 10.43 -8.59
C PHE A 88 -1.80 10.21 -9.12
N GLY A 89 -2.00 9.82 -10.37
CA GLY A 89 -3.35 9.54 -10.82
C GLY A 89 -3.90 8.20 -10.36
N SER A 90 -3.08 7.15 -10.38
CA SER A 90 -3.60 5.81 -10.11
C SER A 90 -2.82 5.05 -9.05
N GLY A 91 -1.50 5.18 -9.04
CA GLY A 91 -0.67 4.22 -8.32
C GLY A 91 -0.96 4.13 -6.84
N LEU A 92 -0.83 5.27 -6.15
CA LEU A 92 -0.99 5.26 -4.70
C LEU A 92 -2.41 4.88 -4.29
N PRO A 93 -3.47 5.42 -4.91
CA PRO A 93 -4.82 5.01 -4.52
C PRO A 93 -5.04 3.52 -4.65
N VAL A 94 -4.49 2.89 -5.69
CA VAL A 94 -4.72 1.46 -5.87
C VAL A 94 -3.96 0.66 -4.82
N PHE A 95 -2.77 1.12 -4.42
CA PHE A 95 -2.06 0.49 -3.31
C PHE A 95 -2.87 0.57 -2.02
N PHE A 96 -3.45 1.74 -1.74
CA PHE A 96 -4.28 1.86 -0.55
C PHE A 96 -5.50 0.96 -0.64
N LEU A 97 -6.08 0.85 -1.84
CA LEU A 97 -7.21 -0.05 -2.05
C LEU A 97 -6.82 -1.49 -1.77
N GLU A 98 -5.66 -1.91 -2.27
CA GLU A 98 -5.18 -3.27 -1.99
C GLU A 98 -5.07 -3.51 -0.49
N ILE A 99 -4.39 -2.61 0.22
CA ILE A 99 -4.15 -2.84 1.64
C ILE A 99 -5.47 -2.86 2.40
N ILE A 100 -6.39 -1.95 2.05
CA ILE A 100 -7.62 -1.85 2.83
C ILE A 100 -8.59 -2.97 2.49
N ILE A 101 -8.60 -3.46 1.25
CA ILE A 101 -9.37 -4.67 0.96
C ILE A 101 -8.79 -5.85 1.74
N GLY A 102 -7.45 -5.95 1.77
CA GLY A 102 -6.84 -7.01 2.56
C GLY A 102 -7.24 -6.95 4.02
N GLN A 103 -7.32 -5.74 4.57
CA GLN A 103 -7.64 -5.61 5.98
C GLN A 103 -9.13 -5.81 6.25
N TYR A 104 -9.99 -5.34 5.35
CA TYR A 104 -11.43 -5.45 5.56
C TYR A 104 -11.87 -6.90 5.65
N THR A 105 -11.45 -7.72 4.69
CA THR A 105 -11.78 -9.14 4.66
C THR A 105 -10.49 -9.93 4.87
N SER A 106 -10.45 -10.72 5.95
CA SER A 106 -9.26 -11.46 6.34
C SER A 106 -9.10 -12.66 5.42
N GLU A 107 -8.46 -12.38 4.29
CA GLU A 107 -8.25 -13.41 3.38
C GLU A 107 -7.16 -13.04 2.37
N GLY A 108 -6.67 -13.99 1.59
CA GLY A 108 -5.59 -13.77 0.66
C GLY A 108 -6.06 -13.16 -0.64
N GLY A 109 -5.24 -13.35 -1.68
CA GLY A 109 -5.53 -12.72 -2.97
C GLY A 109 -6.84 -13.19 -3.57
N ILE A 110 -7.15 -14.47 -3.43
CA ILE A 110 -8.30 -15.05 -4.13
C ILE A 110 -9.58 -14.93 -3.31
N THR A 111 -9.52 -15.29 -2.02
CA THR A 111 -10.71 -15.57 -1.24
C THR A 111 -11.34 -14.32 -0.59
N CYS A 112 -10.92 -13.12 -0.96
CA CYS A 112 -11.62 -11.91 -0.52
C CYS A 112 -12.66 -11.46 -1.53
N TRP A 113 -12.43 -11.72 -2.81
CA TRP A 113 -13.41 -11.34 -3.82
C TRP A 113 -14.70 -12.14 -3.67
N GLU A 114 -14.63 -13.29 -3.01
CA GLU A 114 -15.83 -14.00 -2.60
C GLU A 114 -16.69 -13.17 -1.66
N LYS A 115 -16.08 -12.25 -0.92
CA LYS A 115 -16.80 -11.39 0.02
C LYS A 115 -16.99 -9.96 -0.49
N ILE A 116 -16.34 -9.60 -1.60
CA ILE A 116 -16.66 -8.33 -2.27
C ILE A 116 -17.66 -8.57 -3.38
N CYS A 117 -17.30 -9.40 -4.36
CA CYS A 117 -18.16 -9.63 -5.52
C CYS A 117 -17.81 -10.97 -6.16
N PRO A 118 -18.49 -12.05 -5.76
CA PRO A 118 -18.12 -13.38 -6.27
C PRO A 118 -18.05 -13.48 -7.79
N LEU A 119 -18.94 -12.80 -8.52
CA LEU A 119 -18.97 -12.93 -9.98
C LEU A 119 -17.60 -12.62 -10.58
N PHE A 120 -16.91 -11.62 -10.04
CA PHE A 120 -15.60 -11.19 -10.55
C PHE A 120 -14.44 -11.82 -9.78
N SER A 121 -14.62 -13.03 -9.24
CA SER A 121 -13.56 -13.67 -8.48
C SER A 121 -12.33 -14.00 -9.33
N GLY A 122 -12.47 -14.08 -10.64
CA GLY A 122 -11.35 -14.43 -11.50
C GLY A 122 -10.15 -13.51 -11.32
N ILE A 123 -10.39 -12.31 -10.80
CA ILE A 123 -9.31 -11.34 -10.61
C ILE A 123 -8.24 -11.91 -9.69
N GLY A 124 -8.64 -12.67 -8.67
CA GLY A 124 -7.66 -13.27 -7.78
C GLY A 124 -6.83 -14.36 -8.44
N TYR A 125 -7.46 -15.17 -9.29
CA TYR A 125 -6.71 -16.18 -10.03
C TYR A 125 -5.70 -15.51 -10.96
N ALA A 126 -6.11 -14.42 -11.60
CA ALA A 126 -5.15 -13.64 -12.39
C ALA A 126 -4.01 -13.13 -11.51
N SER A 127 -4.36 -12.57 -10.35
CA SER A 127 -3.39 -12.00 -9.42
C SER A 127 -2.43 -13.04 -8.83
N VAL A 128 -2.81 -14.31 -8.87
CA VAL A 128 -1.91 -15.38 -8.43
C VAL A 128 -1.09 -15.95 -9.59
N VAL A 129 -1.66 -16.03 -10.79
CA VAL A 129 -0.87 -16.42 -11.95
C VAL A 129 0.28 -15.43 -12.14
N ILE A 130 0.00 -14.14 -11.93
CA ILE A 130 1.03 -13.12 -12.10
C ILE A 130 2.20 -13.38 -11.15
N VAL A 131 1.90 -13.68 -9.89
CA VAL A 131 2.95 -13.97 -8.91
C VAL A 131 3.71 -15.22 -9.31
N SER A 132 2.99 -16.25 -9.76
CA SER A 132 3.63 -17.49 -10.16
C SER A 132 4.63 -17.26 -11.27
N LEU A 133 4.28 -16.42 -12.25
CA LEU A 133 5.22 -16.16 -13.33
C LEU A 133 6.35 -15.21 -12.91
N LEU A 134 6.06 -14.26 -12.02
CA LEU A 134 7.11 -13.34 -11.58
C LEU A 134 8.21 -14.07 -10.82
N ASN A 135 7.83 -15.00 -9.94
CA ASN A 135 8.81 -15.71 -9.12
C ASN A 135 9.74 -16.57 -9.98
N VAL A 136 9.31 -16.93 -11.19
CA VAL A 136 10.16 -17.75 -12.05
C VAL A 136 11.41 -16.97 -12.45
N TYR A 137 11.24 -15.75 -12.93
CA TYR A 137 12.33 -15.00 -13.53
C TYR A 137 12.97 -14.02 -12.57
N TYR A 138 12.33 -13.69 -11.44
CA TYR A 138 12.91 -12.70 -10.54
C TYR A 138 14.15 -13.22 -9.83
N ILE A 139 14.28 -14.54 -9.69
CA ILE A 139 15.41 -15.14 -8.99
C ILE A 139 16.69 -15.08 -9.84
N VAL A 140 16.56 -15.03 -11.16
CA VAL A 140 17.73 -15.10 -12.04
C VAL A 140 18.64 -13.90 -11.81
N ILE A 141 18.07 -12.75 -11.48
CA ILE A 141 18.89 -11.57 -11.22
C ILE A 141 19.77 -11.81 -10.00
N LEU A 142 19.23 -12.44 -8.97
CA LEU A 142 20.03 -12.77 -7.79
C LEU A 142 21.02 -13.88 -8.09
N ALA A 143 20.71 -14.76 -9.05
CA ALA A 143 21.71 -15.72 -9.49
C ALA A 143 22.92 -15.02 -10.09
N TRP A 144 22.66 -14.04 -10.95
CA TRP A 144 23.77 -13.27 -11.54
C TRP A 144 24.52 -12.48 -10.46
N ALA A 145 23.78 -11.91 -9.52
CA ALA A 145 24.42 -11.17 -8.43
C ALA A 145 25.31 -12.08 -7.60
N THR A 146 24.86 -13.32 -7.35
CA THR A 146 25.68 -14.27 -6.62
C THR A 146 26.92 -14.65 -7.42
N TYR A 147 26.80 -14.78 -8.73
CA TYR A 147 27.99 -15.09 -9.53
C TYR A 147 29.00 -13.94 -9.47
N TYR A 148 28.53 -12.70 -9.56
CA TYR A 148 29.44 -11.57 -9.39
C TYR A 148 30.08 -11.56 -8.01
N LEU A 149 29.30 -11.86 -6.97
CA LEU A 149 29.88 -11.91 -5.63
C LEU A 149 30.96 -12.97 -5.55
N PHE A 150 30.72 -14.14 -6.14
CA PHE A 150 31.72 -15.20 -6.13
C PHE A 150 32.98 -14.79 -6.88
N GLN A 151 32.82 -14.13 -8.03
CA GLN A 151 33.98 -13.66 -8.78
C GLN A 151 34.69 -12.52 -8.07
N SER A 152 34.01 -11.83 -7.16
CA SER A 152 34.55 -10.61 -6.56
C SER A 152 35.76 -10.90 -5.68
N PHE A 153 35.74 -11.99 -4.93
CA PHE A 153 36.79 -12.29 -3.97
C PHE A 153 38.08 -12.70 -4.68
N GLN A 154 38.78 -11.75 -5.28
CA GLN A 154 39.99 -12.04 -6.03
C GLN A 154 40.98 -10.89 -5.86
N LYS A 155 42.24 -11.19 -6.14
CA LYS A 155 43.28 -10.18 -5.99
C LYS A 155 43.04 -8.99 -6.90
N GLU A 156 42.46 -9.23 -8.08
CA GLU A 156 42.14 -8.17 -9.02
C GLU A 156 40.79 -8.45 -9.65
N LEU A 157 39.99 -7.41 -9.81
CA LEU A 157 38.65 -7.60 -10.38
C LEU A 157 38.78 -7.99 -11.84
N PRO A 158 38.03 -9.01 -12.29
CA PRO A 158 38.15 -9.41 -13.71
C PRO A 158 37.82 -8.30 -14.70
N TRP A 159 36.84 -7.47 -14.40
CA TRP A 159 36.38 -6.45 -15.34
C TRP A 159 37.19 -5.16 -15.29
N ALA A 160 38.40 -5.20 -14.75
CA ALA A 160 39.25 -4.02 -14.70
C ALA A 160 40.17 -3.89 -15.91
N HIS A 161 40.63 -5.01 -16.46
CA HIS A 161 41.57 -4.98 -17.59
C HIS A 161 41.52 -6.31 -18.34
N CYS A 162 41.42 -6.24 -19.67
CA CYS A 162 41.13 -7.42 -20.49
C CYS A 162 42.41 -8.08 -21.02
N ASN A 163 43.17 -8.64 -20.09
CA ASN A 163 44.22 -9.59 -20.43
C ASN A 163 43.71 -11.03 -20.45
N HIS A 164 42.44 -11.25 -20.10
CA HIS A 164 41.88 -12.57 -19.92
C HIS A 164 41.47 -13.19 -21.26
N SER A 165 41.14 -14.48 -21.21
CA SER A 165 40.95 -15.28 -22.42
C SER A 165 39.61 -15.06 -23.10
N TRP A 166 38.58 -14.64 -22.37
CA TRP A 166 37.25 -14.53 -22.96
C TRP A 166 37.08 -13.29 -23.83
N ASN A 167 38.05 -12.39 -23.85
CA ASN A 167 37.90 -11.11 -24.53
C ASN A 167 38.26 -11.20 -26.01
N THR A 168 37.68 -10.31 -26.80
CA THR A 168 37.95 -10.23 -28.22
C THR A 168 39.17 -9.35 -28.50
N PRO A 169 39.79 -9.49 -29.68
CA PRO A 169 40.88 -8.58 -30.04
C PRO A 169 40.45 -7.13 -30.21
N HIS A 170 39.16 -6.87 -30.38
CA HIS A 170 38.65 -5.50 -30.44
C HIS A 170 38.68 -4.81 -29.07
N CYS A 171 39.11 -5.50 -28.02
CA CYS A 171 39.11 -4.93 -26.69
C CYS A 171 40.15 -3.84 -26.54
N MET A 172 39.74 -2.73 -25.93
CA MET A 172 40.65 -1.66 -25.52
C MET A 172 40.17 -1.08 -24.21
N GLU A 173 41.10 -0.82 -23.30
CA GLU A 173 40.76 -0.20 -22.02
C GLU A 173 40.16 1.19 -22.25
N ASP A 174 39.24 1.58 -21.36
CA ASP A 174 38.56 2.85 -21.53
C ASP A 174 39.53 4.02 -21.54
N THR A 175 40.66 3.89 -20.83
CA THR A 175 41.65 4.95 -20.82
C THR A 175 42.30 5.17 -22.18
N MET A 176 42.28 4.15 -23.05
CA MET A 176 42.87 4.25 -24.37
C MET A 176 41.85 4.28 -25.50
N ARG A 177 40.59 3.95 -25.22
CA ARG A 177 39.59 3.88 -26.29
C ARG A 177 39.39 5.24 -26.95
N LYS A 178 39.63 6.32 -26.23
CA LYS A 178 39.57 7.65 -26.81
C LYS A 178 40.82 8.02 -27.60
N ASN A 179 41.84 7.16 -27.59
CA ASN A 179 43.09 7.42 -28.30
C ASN A 179 43.89 8.55 -27.63
N THR A 189 37.89 0.58 -35.38
CA THR A 189 36.66 1.36 -35.43
C THR A 189 35.56 0.67 -34.61
N ASN A 190 35.76 -0.61 -34.30
CA ASN A 190 34.81 -1.40 -33.53
C ASN A 190 35.27 -1.65 -32.09
N PHE A 191 36.18 -0.82 -31.57
CA PHE A 191 36.74 -1.04 -30.25
C PHE A 191 35.63 -1.11 -29.20
N THR A 192 35.78 -2.03 -28.26
CA THR A 192 34.77 -2.27 -27.22
C THR A 192 35.47 -2.34 -25.87
N SER A 193 34.66 -2.21 -24.81
CA SER A 193 35.16 -2.04 -23.44
C SER A 193 35.16 -3.36 -22.67
N PRO A 194 36.12 -3.53 -21.74
CA PRO A 194 36.14 -4.77 -20.94
C PRO A 194 34.96 -4.92 -20.00
N VAL A 195 34.38 -3.82 -19.52
CA VAL A 195 33.27 -3.94 -18.58
C VAL A 195 32.07 -4.58 -19.27
N ILE A 196 31.93 -4.35 -20.57
CA ILE A 196 30.85 -4.95 -21.34
C ILE A 196 31.21 -6.38 -21.73
N GLU A 197 32.48 -6.61 -22.07
CA GLU A 197 32.90 -7.93 -22.53
C GLU A 197 32.85 -8.94 -21.40
N PHE A 198 33.24 -8.56 -20.18
CA PHE A 198 33.11 -9.51 -19.07
C PHE A 198 31.68 -10.02 -18.97
N TRP A 199 30.72 -9.09 -18.91
CA TRP A 199 29.32 -9.46 -18.88
C TRP A 199 29.00 -10.40 -20.02
N GLU A 200 29.06 -9.90 -21.26
CA GLU A 200 28.51 -10.64 -22.40
C GLU A 200 29.24 -11.96 -22.66
N ARG A 201 30.56 -11.98 -22.50
CA ARG A 201 31.38 -13.12 -22.90
C ARG A 201 31.59 -14.14 -21.79
N ASN A 202 31.42 -13.76 -20.52
CA ASN A 202 31.69 -14.71 -19.45
C ASN A 202 30.43 -15.00 -18.64
N VAL A 203 29.70 -13.96 -18.24
CA VAL A 203 28.55 -14.17 -17.38
C VAL A 203 27.39 -14.72 -18.20
N LEU A 204 27.00 -14.00 -19.25
CA LEU A 204 25.95 -14.47 -20.13
C LEU A 204 26.44 -15.57 -21.07
N SER A 205 27.69 -15.50 -21.53
CA SER A 205 28.17 -16.36 -22.60
C SER A 205 27.19 -16.32 -23.77
N LEU A 206 26.90 -15.09 -24.21
CA LEU A 206 25.68 -14.81 -24.95
C LEU A 206 25.67 -15.50 -26.32
N SER A 207 24.57 -16.20 -26.60
CA SER A 207 24.36 -16.85 -27.89
C SER A 207 24.02 -15.83 -28.97
N PRO A 208 24.26 -16.18 -30.25
CA PRO A 208 23.88 -15.27 -31.34
C PRO A 208 22.37 -15.13 -31.55
N GLY A 209 21.55 -15.89 -30.85
CA GLY A 209 20.11 -15.76 -31.03
C GLY A 209 19.36 -16.71 -30.11
N ILE A 210 18.04 -16.44 -30.01
CA ILE A 210 17.17 -17.26 -29.18
C ILE A 210 17.06 -18.67 -29.73
N ASP A 211 17.08 -18.81 -31.07
CA ASP A 211 16.99 -20.13 -31.69
C ASP A 211 18.18 -21.02 -31.32
N HIS A 212 19.25 -20.45 -30.80
CA HIS A 212 20.47 -21.20 -30.52
C HIS A 212 20.70 -21.23 -29.01
N PRO A 213 20.05 -22.13 -28.28
CA PRO A 213 20.18 -22.13 -26.81
C PRO A 213 21.54 -22.55 -26.31
N GLY A 214 22.25 -23.42 -27.02
CA GLY A 214 23.53 -23.90 -26.53
C GLY A 214 23.38 -24.72 -25.26
N SER A 215 24.44 -24.73 -24.46
CA SER A 215 24.51 -25.53 -23.25
C SER A 215 24.02 -24.73 -22.04
N LEU A 216 23.70 -25.47 -20.96
CA LEU A 216 23.35 -24.86 -19.69
C LEU A 216 24.63 -24.56 -18.90
N LYS A 217 24.77 -23.32 -18.44
CA LYS A 217 25.92 -22.89 -17.66
C LYS A 217 25.76 -23.44 -16.24
N TRP A 218 26.45 -24.55 -15.97
CA TRP A 218 26.36 -25.18 -14.65
C TRP A 218 26.79 -24.23 -13.54
N ASP A 219 27.77 -23.34 -13.81
CA ASP A 219 28.25 -22.45 -12.78
C ASP A 219 27.14 -21.52 -12.27
N LEU A 220 26.27 -21.05 -13.17
CA LEU A 220 25.15 -20.22 -12.75
C LEU A 220 24.02 -21.06 -12.18
N ALA A 221 23.86 -22.29 -12.67
CA ALA A 221 22.80 -23.16 -12.17
C ALA A 221 22.99 -23.51 -10.71
N LEU A 222 24.24 -23.73 -10.27
CA LEU A 222 24.47 -24.04 -8.86
C LEU A 222 24.06 -22.87 -7.98
N CYS A 223 24.32 -21.64 -8.40
CA CYS A 223 23.88 -20.47 -7.62
C CYS A 223 22.37 -20.30 -7.66
N LEU A 224 21.75 -20.61 -8.80
CA LEU A 224 20.29 -20.54 -8.90
C LEU A 224 19.66 -21.52 -7.92
N LEU A 225 20.30 -22.67 -7.71
CA LEU A 225 19.84 -23.64 -6.71
C LEU A 225 20.12 -23.14 -5.29
N LEU A 226 21.29 -22.53 -5.07
CA LEU A 226 21.66 -22.05 -3.74
C LEU A 226 20.67 -21.01 -3.24
N VAL A 227 20.25 -20.10 -4.13
CA VAL A 227 19.30 -19.08 -3.73
C VAL A 227 17.99 -19.72 -3.28
N TRP A 228 17.58 -20.80 -3.94
CA TRP A 228 16.35 -21.48 -3.53
C TRP A 228 16.53 -22.22 -2.20
N LEU A 229 17.72 -22.75 -1.92
CA LEU A 229 17.96 -23.29 -0.59
C LEU A 229 17.81 -22.21 0.47
N VAL A 230 18.40 -21.04 0.21
CA VAL A 230 18.30 -19.94 1.16
C VAL A 230 16.84 -19.56 1.36
N CYS A 231 16.07 -19.51 0.27
CA CYS A 231 14.66 -19.18 0.36
C CYS A 231 13.91 -20.20 1.20
N PHE A 232 14.13 -21.48 0.94
CA PHE A 232 13.39 -22.52 1.65
C PHE A 232 13.67 -22.47 3.14
N PHE A 233 14.94 -22.38 3.53
CA PHE A 233 15.22 -22.41 4.97
C PHE A 233 14.91 -21.10 5.68
N CYS A 234 14.32 -20.12 5.00
CA CYS A 234 13.67 -19.01 5.68
C CYS A 234 12.15 -19.19 5.78
N ILE A 235 11.54 -19.79 4.76
CA ILE A 235 10.09 -19.82 4.68
C ILE A 235 9.51 -21.03 5.42
N TRP A 236 10.26 -22.13 5.51
CA TRP A 236 9.64 -23.38 5.93
C TRP A 236 9.12 -23.32 7.36
N LYS A 237 9.63 -22.40 8.18
CA LYS A 237 9.03 -22.12 9.49
C LYS A 237 7.91 -21.10 9.37
N GLY A 238 8.24 -19.88 8.95
CA GLY A 238 7.26 -18.82 8.85
C GLY A 238 7.95 -17.46 8.85
N VAL A 239 7.15 -16.45 8.55
CA VAL A 239 7.65 -15.08 8.51
C VAL A 239 7.72 -14.50 9.92
N ARG A 240 8.83 -13.84 10.23
CA ARG A 240 8.99 -13.15 11.51
C ARG A 240 10.05 -12.06 11.34
N SER A 241 9.98 -11.06 12.22
CA SER A 241 10.97 -9.98 12.20
C SER A 241 12.28 -10.36 12.86
N THR A 242 12.27 -11.26 13.85
CA THR A 242 13.47 -11.82 14.45
C THR A 242 14.37 -10.77 15.12
N GLY A 243 13.80 -9.66 15.59
CA GLY A 243 14.55 -8.78 16.46
C GLY A 243 15.71 -8.08 15.78
N LYS A 244 16.90 -8.19 16.40
CA LYS A 244 18.03 -7.32 16.06
C LYS A 244 18.50 -7.45 14.63
N VAL A 245 18.22 -8.57 13.96
CA VAL A 245 18.70 -8.73 12.59
C VAL A 245 18.16 -7.62 11.70
N VAL A 246 16.96 -7.13 12.00
CA VAL A 246 16.34 -6.08 11.19
C VAL A 246 17.16 -4.80 11.27
N TYR A 247 17.74 -4.52 12.45
CA TYR A 247 18.49 -3.28 12.62
C TYR A 247 19.61 -3.17 11.59
N PHE A 248 20.27 -4.29 11.28
CA PHE A 248 21.31 -4.28 10.26
C PHE A 248 20.72 -4.42 8.86
N THR A 249 19.78 -5.34 8.69
CA THR A 249 19.27 -5.65 7.36
C THR A 249 18.62 -4.42 6.71
N ALA A 250 17.96 -3.58 7.52
CA ALA A 250 17.12 -2.52 7.01
C ALA A 250 17.86 -1.19 6.80
N THR A 251 19.14 -1.10 7.13
CA THR A 251 19.88 0.16 7.03
C THR A 251 21.14 0.06 6.17
N PHE A 252 21.84 -1.07 6.23
CA PHE A 252 23.03 -1.26 5.42
C PHE A 252 22.81 -0.99 3.94
N PRO A 253 21.73 -1.48 3.31
CA PRO A 253 21.61 -1.24 1.87
C PRO A 253 21.43 0.22 1.52
N PHE A 254 20.68 0.97 2.33
CA PHE A 254 20.52 2.39 2.08
C PHE A 254 21.83 3.14 2.29
N ALA A 255 22.60 2.73 3.30
CA ALA A 255 23.92 3.35 3.49
C ALA A 255 24.80 3.11 2.27
N MET A 256 24.81 1.88 1.76
CA MET A 256 25.62 1.58 0.58
C MET A 256 25.13 2.34 -0.64
N LEU A 257 23.82 2.48 -0.80
CA LEU A 257 23.29 3.27 -1.91
C LEU A 257 23.72 4.72 -1.81
N LEU A 258 23.75 5.28 -0.60
CA LEU A 258 24.21 6.65 -0.44
C LEU A 258 25.68 6.78 -0.81
N VAL A 259 26.50 5.79 -0.41
CA VAL A 259 27.91 5.81 -0.78
C VAL A 259 28.04 5.79 -2.30
N LEU A 260 27.24 4.94 -2.96
CA LEU A 260 27.29 4.85 -4.42
C LEU A 260 26.87 6.16 -5.06
N LEU A 261 25.85 6.83 -4.51
CA LEU A 261 25.42 8.11 -5.05
C LEU A 261 26.54 9.14 -4.97
N VAL A 262 27.18 9.24 -3.80
CA VAL A 262 28.23 10.25 -3.65
C VAL A 262 29.40 9.94 -4.57
N ARG A 263 29.82 8.67 -4.65
CA ARG A 263 30.86 8.29 -5.60
C ARG A 263 30.46 8.55 -7.04
N GLY A 264 29.15 8.54 -7.33
CA GLY A 264 28.69 8.79 -8.68
C GLY A 264 28.76 10.26 -9.06
N LEU A 265 28.14 11.12 -8.25
CA LEU A 265 28.09 12.54 -8.61
C LEU A 265 29.47 13.18 -8.68
N THR A 266 30.47 12.62 -8.01
CA THR A 266 31.79 13.25 -7.96
C THR A 266 32.53 13.15 -9.28
N LEU A 267 32.07 12.34 -10.22
CA LEU A 267 32.85 11.99 -11.40
C LEU A 267 32.97 13.18 -12.35
N PRO A 268 34.00 13.19 -13.20
CA PRO A 268 34.22 14.34 -14.08
C PRO A 268 33.03 14.71 -14.95
N GLY A 269 32.30 13.73 -15.48
CA GLY A 269 31.27 13.94 -16.47
C GLY A 269 29.84 13.85 -15.96
N ALA A 270 29.62 13.93 -14.65
CA ALA A 270 28.28 13.69 -14.11
C ALA A 270 27.26 14.70 -14.64
N GLY A 271 27.66 15.97 -14.75
CA GLY A 271 26.70 17.00 -15.11
C GLY A 271 26.01 16.73 -16.43
N ALA A 272 26.77 16.24 -17.42
CA ALA A 272 26.17 15.92 -18.71
C ALA A 272 25.17 14.77 -18.59
N GLY A 273 25.46 13.80 -17.72
CA GLY A 273 24.56 12.70 -17.50
C GLY A 273 23.27 13.16 -16.87
N ILE A 274 23.37 14.07 -15.91
CA ILE A 274 22.17 14.61 -15.27
C ILE A 274 21.36 15.44 -16.26
N LYS A 275 22.03 16.23 -17.09
CA LYS A 275 21.32 17.03 -18.08
C LYS A 275 20.60 16.14 -19.08
N PHE A 276 21.21 15.02 -19.45
CA PHE A 276 20.51 14.05 -20.28
C PHE A 276 19.34 13.43 -19.53
N TYR A 277 19.52 13.20 -18.23
CA TYR A 277 18.51 12.51 -17.42
C TYR A 277 17.25 13.34 -17.26
N LEU A 278 17.39 14.65 -17.02
CA LEU A 278 16.28 15.47 -16.55
C LEU A 278 15.60 16.28 -17.65
N TYR A 279 16.08 16.23 -18.90
CA TYR A 279 15.53 17.06 -19.95
C TYR A 279 14.57 16.25 -20.81
N PRO A 280 13.26 16.54 -20.79
CA PRO A 280 12.33 15.80 -21.65
C PRO A 280 12.54 16.12 -23.12
N ASP A 281 12.60 15.07 -23.95
CA ASP A 281 12.52 15.20 -25.40
C ASP A 281 11.06 14.96 -25.78
N ILE A 282 10.32 16.05 -26.01
CA ILE A 282 8.87 15.94 -26.21
C ILE A 282 8.53 15.08 -27.42
N THR A 283 9.42 14.96 -28.40
CA THR A 283 9.13 14.14 -29.57
C THR A 283 8.78 12.71 -29.18
N ARG A 284 9.35 12.22 -28.07
CA ARG A 284 9.12 10.84 -27.68
C ARG A 284 7.69 10.58 -27.25
N LEU A 285 6.99 11.60 -26.75
CA LEU A 285 5.64 11.40 -26.22
C LEU A 285 4.62 11.07 -27.30
N GLU A 286 4.98 11.22 -28.58
CA GLU A 286 4.07 10.90 -29.67
C GLU A 286 3.90 9.40 -29.89
N ASP A 287 4.61 8.56 -29.14
CA ASP A 287 4.55 7.12 -29.31
C ASP A 287 4.02 6.46 -28.05
N PRO A 288 3.33 5.31 -28.19
CA PRO A 288 2.72 4.68 -27.00
C PRO A 288 3.72 4.06 -26.04
N GLN A 289 4.90 3.66 -26.51
CA GLN A 289 5.83 2.90 -25.67
C GLN A 289 6.25 3.70 -24.45
N VAL A 290 6.61 4.98 -24.64
CA VAL A 290 7.05 5.77 -23.50
C VAL A 290 5.93 5.93 -22.50
N TRP A 291 4.68 5.77 -22.93
CA TRP A 291 3.56 5.84 -22.00
C TRP A 291 3.36 4.53 -21.24
N ILE A 292 3.31 3.42 -21.97
CA ILE A 292 2.96 2.16 -21.31
C ILE A 292 4.11 1.63 -20.45
N ASP A 293 5.36 1.81 -20.87
CA ASP A 293 6.45 1.37 -20.01
C ASP A 293 6.44 2.15 -18.70
N ALA A 294 6.21 3.46 -18.76
CA ALA A 294 6.14 4.26 -17.55
C ALA A 294 4.93 3.88 -16.71
N GLY A 295 3.78 3.64 -17.34
CA GLY A 295 2.59 3.25 -16.59
C GLY A 295 2.77 1.93 -15.87
N THR A 296 3.26 0.91 -16.57
CA THR A 296 3.40 -0.40 -15.98
C THR A 296 4.57 -0.48 -15.00
N GLN A 297 5.56 0.39 -15.13
CA GLN A 297 6.66 0.38 -14.18
C GLN A 297 6.16 0.62 -12.76
N ILE A 298 5.13 1.48 -12.61
CA ILE A 298 4.63 1.79 -11.27
C ILE A 298 3.86 0.62 -10.70
N PHE A 299 2.97 0.01 -11.50
CA PHE A 299 2.26 -1.18 -11.05
C PHE A 299 3.24 -2.29 -10.67
N PHE A 300 4.35 -2.40 -11.40
CA PHE A 300 5.36 -3.38 -11.04
C PHE A 300 6.03 -3.03 -9.72
N SER A 301 6.49 -1.78 -9.59
CA SER A 301 7.29 -1.41 -8.42
C SER A 301 6.50 -1.54 -7.13
N TYR A 302 5.24 -1.07 -7.13
CA TYR A 302 4.42 -1.13 -5.93
C TYR A 302 3.85 -2.51 -5.66
N ALA A 303 3.99 -3.46 -6.60
CA ALA A 303 3.55 -4.84 -6.38
C ALA A 303 2.08 -4.91 -6.00
N ILE A 304 1.25 -4.13 -6.68
CA ILE A 304 -0.15 -3.96 -6.28
C ILE A 304 -1.06 -4.95 -7.00
N CYS A 305 -0.72 -5.34 -8.24
CA CYS A 305 -1.57 -6.26 -8.98
C CYS A 305 -1.19 -7.70 -8.64
N LEU A 306 -0.62 -7.88 -7.45
CA LEU A 306 -0.15 -9.17 -6.98
C LEU A 306 -0.88 -9.49 -5.67
N GLY A 307 -0.96 -10.79 -5.37
CA GLY A 307 -1.63 -11.23 -4.15
C GLY A 307 -0.91 -10.85 -2.87
N ALA A 308 0.31 -10.30 -2.96
CA ALA A 308 1.13 -10.09 -1.78
C ALA A 308 0.52 -9.03 -0.86
N MET A 309 0.23 -7.85 -1.40
CA MET A 309 -0.14 -6.72 -0.55
C MET A 309 -1.45 -7.00 0.19
N THR A 310 -2.42 -7.59 -0.50
CA THR A 310 -3.66 -7.98 0.17
C THR A 310 -3.38 -8.95 1.32
N SER A 311 -2.48 -9.92 1.09
CA SER A 311 -2.16 -10.89 2.12
C SER A 311 -1.54 -10.20 3.33
N LEU A 312 -0.61 -9.28 3.10
CA LEU A 312 -0.01 -8.54 4.21
C LEU A 312 -1.07 -7.74 4.97
N GLY A 313 -1.99 -7.10 4.23
CA GLY A 313 -3.04 -6.34 4.87
C GLY A 313 -3.95 -7.21 5.73
N SER A 314 -4.18 -8.45 5.31
CA SER A 314 -5.13 -9.31 6.00
C SER A 314 -4.75 -9.62 7.44
N TYR A 315 -3.46 -9.51 7.80
CA TYR A 315 -3.03 -9.81 9.16
C TYR A 315 -3.27 -8.68 10.15
N ASN A 316 -3.77 -7.53 9.70
CA ASN A 316 -4.00 -6.41 10.61
C ASN A 316 -5.27 -6.61 11.42
N LYS A 317 -5.31 -5.97 12.58
CA LYS A 317 -6.55 -5.86 13.34
C LYS A 317 -7.57 -5.04 12.56
N TYR A 318 -8.85 -5.28 12.81
CA TYR A 318 -9.89 -4.69 11.99
C TYR A 318 -9.88 -3.16 12.07
N HIS A 319 -9.72 -2.62 13.28
CA HIS A 319 -9.82 -1.18 13.50
C HIS A 319 -8.49 -0.44 13.31
N ASN A 320 -7.45 -1.11 12.81
CA ASN A 320 -6.14 -0.47 12.68
C ASN A 320 -6.15 0.59 11.58
N ASN A 321 -5.47 1.72 11.84
CA ASN A 321 -5.38 2.82 10.90
C ASN A 321 -4.07 2.72 10.12
N VAL A 322 -4.16 2.43 8.82
CA VAL A 322 -2.98 2.20 7.99
C VAL A 322 -2.66 3.36 7.05
N TYR A 323 -3.52 4.37 6.96
CA TYR A 323 -3.47 5.33 5.87
C TYR A 323 -2.12 6.04 5.80
N ARG A 324 -1.68 6.62 6.93
CA ARG A 324 -0.45 7.40 6.93
C ARG A 324 0.76 6.53 6.60
N ASP A 325 0.79 5.31 7.13
CA ASP A 325 1.90 4.40 6.82
C ASP A 325 1.95 4.09 5.33
N CYS A 326 0.81 3.86 4.70
CA CYS A 326 0.77 3.63 3.27
C CYS A 326 1.35 4.82 2.52
N MET A 327 0.93 6.04 2.86
CA MET A 327 1.42 7.20 2.14
C MET A 327 2.92 7.39 2.34
N LEU A 328 3.40 7.21 3.57
CA LEU A 328 4.81 7.45 3.84
C LEU A 328 5.68 6.38 3.18
N LEU A 329 5.19 5.15 3.11
CA LEU A 329 5.95 4.09 2.43
C LEU A 329 5.95 4.30 0.92
N GLY A 330 4.86 4.81 0.36
CA GLY A 330 4.89 5.21 -1.04
C GLY A 330 5.92 6.30 -1.29
N CYS A 331 5.99 7.28 -0.38
CA CYS A 331 7.05 8.28 -0.46
C CYS A 331 8.44 7.63 -0.45
N LEU A 332 8.65 6.68 0.47
CA LEU A 332 9.94 5.99 0.52
C LEU A 332 10.26 5.29 -0.80
N ASN A 333 9.30 4.55 -1.34
CA ASN A 333 9.55 3.79 -2.56
C ASN A 333 9.91 4.70 -3.72
N SER A 334 9.06 5.69 -3.98
CA SER A 334 9.29 6.56 -5.13
C SER A 334 10.53 7.42 -4.94
N GLY A 335 10.82 7.84 -3.70
CA GLY A 335 12.03 8.60 -3.47
C GLY A 335 13.29 7.79 -3.74
N THR A 336 13.33 6.54 -3.27
CA THR A 336 14.50 5.71 -3.55
C THR A 336 14.66 5.49 -5.04
N SER A 337 13.55 5.19 -5.74
CA SER A 337 13.62 4.98 -7.18
C SER A 337 14.17 6.22 -7.88
N PHE A 338 13.63 7.39 -7.53
CA PHE A 338 14.06 8.62 -8.20
C PHE A 338 15.53 8.93 -7.89
N VAL A 339 15.97 8.68 -6.65
CA VAL A 339 17.33 9.01 -6.27
C VAL A 339 18.33 8.13 -7.04
N SER A 340 17.99 6.87 -7.26
CA SER A 340 18.92 5.96 -7.93
C SER A 340 19.32 6.44 -9.33
N GLY A 341 18.48 7.26 -9.98
CA GLY A 341 18.80 7.73 -11.31
C GLY A 341 20.02 8.63 -11.33
N PHE A 342 20.16 9.48 -10.31
CA PHE A 342 21.35 10.32 -10.24
C PHE A 342 22.61 9.49 -10.06
N ALA A 343 22.50 8.31 -9.45
CA ALA A 343 23.63 7.41 -9.34
C ALA A 343 23.98 6.80 -10.68
N ILE A 344 22.98 6.34 -11.42
CA ILE A 344 23.24 5.64 -12.68
C ILE A 344 23.72 6.61 -13.76
N PHE A 345 22.93 7.65 -14.04
CA PHE A 345 23.18 8.43 -15.24
C PHE A 345 24.40 9.32 -15.10
N SER A 346 24.83 9.63 -13.87
CA SER A 346 26.10 10.31 -13.69
C SER A 346 27.26 9.41 -14.15
N ILE A 347 27.19 8.13 -13.80
CA ILE A 347 28.23 7.19 -14.25
C ILE A 347 28.19 7.06 -15.76
N LEU A 348 26.98 7.01 -16.34
CA LEU A 348 26.88 6.90 -17.79
C LEU A 348 27.44 8.14 -18.48
N GLY A 349 27.17 9.33 -17.94
CA GLY A 349 27.78 10.53 -18.49
C GLY A 349 29.28 10.53 -18.37
N PHE A 350 29.80 10.00 -17.24
CA PHE A 350 31.25 9.87 -17.10
C PHE A 350 31.81 8.95 -18.18
N MET A 351 31.14 7.83 -18.43
CA MET A 351 31.61 6.90 -19.46
C MET A 351 31.61 7.57 -20.83
N ALA A 352 30.56 8.31 -21.15
CA ALA A 352 30.51 8.99 -22.43
C ALA A 352 31.60 10.06 -22.54
N GLN A 353 31.89 10.75 -21.44
CA GLN A 353 32.95 11.74 -21.46
C GLN A 353 34.32 11.10 -21.62
N GLU A 354 34.54 9.96 -20.97
CA GLU A 354 35.84 9.31 -21.01
C GLU A 354 36.11 8.69 -22.38
N GLN A 355 35.13 7.97 -22.92
CA GLN A 355 35.34 7.25 -24.17
C GLN A 355 35.15 8.14 -25.40
N GLY A 356 34.33 9.18 -25.29
CA GLY A 356 34.08 10.05 -26.41
C GLY A 356 32.98 9.55 -27.32
N VAL A 357 31.80 9.29 -26.75
CA VAL A 357 30.63 8.86 -27.50
C VAL A 357 29.40 9.59 -26.96
N ASP A 358 28.31 9.52 -27.74
CA ASP A 358 27.05 10.03 -27.26
C ASP A 358 26.57 9.20 -26.07
N ILE A 359 25.83 9.85 -25.17
CA ILE A 359 25.42 9.19 -23.93
C ILE A 359 24.50 8.02 -24.23
N ALA A 360 23.67 8.13 -25.27
CA ALA A 360 22.73 7.08 -25.61
C ALA A 360 23.39 5.87 -26.26
N ASP A 361 24.65 5.98 -26.65
CA ASP A 361 25.37 4.91 -27.34
C ASP A 361 26.24 4.10 -26.38
N VAL A 362 26.47 4.59 -25.18
CA VAL A 362 27.59 4.11 -24.36
C VAL A 362 27.35 2.77 -23.68
N ALA A 363 26.10 2.34 -23.49
CA ALA A 363 25.83 1.14 -22.71
C ALA A 363 24.69 0.36 -23.36
N GLU A 364 24.39 -0.80 -22.77
CA GLU A 364 23.37 -1.69 -23.31
C GLU A 364 21.99 -1.15 -22.98
N SER A 365 21.15 -1.02 -24.01
CA SER A 365 19.75 -0.61 -23.83
C SER A 365 18.90 -1.83 -23.45
N GLY A 366 19.17 -2.37 -22.26
CA GLY A 366 18.53 -3.58 -21.81
C GLY A 366 18.78 -3.87 -20.34
N PRO A 367 18.46 -5.10 -19.92
CA PRO A 367 18.51 -5.44 -18.49
C PRO A 367 19.92 -5.49 -17.90
N GLY A 368 20.97 -5.46 -18.73
CA GLY A 368 22.33 -5.50 -18.22
C GLY A 368 22.86 -4.17 -17.73
N LEU A 369 22.04 -3.12 -17.77
CA LEU A 369 22.54 -1.77 -17.54
C LEU A 369 23.12 -1.62 -16.14
N ALA A 370 22.46 -2.18 -15.12
CA ALA A 370 22.97 -2.02 -13.77
C ALA A 370 24.31 -2.73 -13.58
N PHE A 371 24.45 -3.92 -14.14
CA PHE A 371 25.68 -4.70 -14.04
C PHE A 371 26.80 -4.12 -14.90
N ILE A 372 26.46 -3.26 -15.86
CA ILE A 372 27.49 -2.53 -16.60
C ILE A 372 27.86 -1.24 -15.87
N ALA A 373 26.87 -0.57 -15.28
CA ALA A 373 27.09 0.75 -14.69
C ALA A 373 27.80 0.64 -13.33
N TYR A 374 27.16 0.02 -12.35
CA TYR A 374 27.72 0.08 -11.00
C TYR A 374 29.13 -0.49 -10.90
N PRO A 375 29.47 -1.62 -11.51
CA PRO A 375 30.86 -2.09 -11.44
C PRO A 375 31.87 -1.08 -11.96
N LYS A 376 31.48 -0.29 -12.97
CA LYS A 376 32.37 0.75 -13.49
C LYS A 376 32.65 1.82 -12.44
N ALA A 377 31.65 2.13 -11.60
CA ALA A 377 31.87 3.06 -10.50
C ALA A 377 32.67 2.42 -9.38
N VAL A 378 32.40 1.14 -9.09
CA VAL A 378 33.14 0.43 -8.05
C VAL A 378 34.63 0.40 -8.39
N THR A 379 34.95 0.36 -9.69
CA THR A 379 36.35 0.36 -10.11
C THR A 379 37.09 1.62 -9.70
N MET A 380 36.37 2.70 -9.36
CA MET A 380 36.95 4.02 -9.12
C MET A 380 37.17 4.32 -7.63
N MET A 381 37.45 3.31 -6.82
CA MET A 381 37.57 3.53 -5.39
C MET A 381 38.72 2.69 -4.82
N PRO A 382 39.33 3.16 -3.73
CA PRO A 382 40.48 2.43 -3.18
C PRO A 382 40.09 1.04 -2.72
N LEU A 383 41.01 0.09 -2.92
CA LEU A 383 40.75 -1.30 -2.59
C LEU A 383 39.41 -1.72 -3.20
N PRO A 384 39.33 -1.84 -4.53
CA PRO A 384 38.04 -2.16 -5.16
C PRO A 384 37.39 -3.43 -4.66
N THR A 385 38.17 -4.40 -4.17
CA THR A 385 37.60 -5.68 -3.74
C THR A 385 36.60 -5.49 -2.59
N PHE A 386 36.93 -4.61 -1.65
CA PHE A 386 36.04 -4.33 -0.52
C PHE A 386 34.67 -3.88 -0.98
N TRP A 387 34.64 -2.85 -1.84
CA TRP A 387 33.37 -2.29 -2.27
C TRP A 387 32.65 -3.22 -3.23
N SER A 388 33.40 -4.00 -4.01
CA SER A 388 32.80 -5.01 -4.88
C SER A 388 32.08 -6.07 -4.05
N ILE A 389 32.67 -6.47 -2.92
CA ILE A 389 31.99 -7.38 -2.01
C ILE A 389 30.71 -6.73 -1.48
N LEU A 390 30.84 -5.49 -0.99
CA LEU A 390 29.74 -4.86 -0.28
C LEU A 390 28.56 -4.60 -1.20
N PHE A 391 28.82 -4.20 -2.45
CA PHE A 391 27.74 -3.85 -3.37
C PHE A 391 26.84 -5.04 -3.64
N PHE A 392 27.44 -6.21 -3.91
CA PHE A 392 26.62 -7.37 -4.22
C PHE A 392 26.00 -7.97 -2.97
N ILE A 393 26.64 -7.82 -1.81
CA ILE A 393 25.94 -8.16 -0.58
C ILE A 393 24.69 -7.28 -0.44
N MET A 394 24.81 -6.00 -0.79
CA MET A 394 23.67 -5.10 -0.72
C MET A 394 22.55 -5.53 -1.67
N LEU A 395 22.91 -5.90 -2.90
CA LEU A 395 21.90 -6.38 -3.84
C LEU A 395 21.22 -7.65 -3.32
N LEU A 396 22.01 -8.57 -2.76
CA LEU A 396 21.41 -9.80 -2.24
C LEU A 396 20.46 -9.51 -1.08
N LEU A 397 20.83 -8.59 -0.19
CA LEU A 397 19.93 -8.25 0.92
C LEU A 397 18.66 -7.58 0.41
N LEU A 398 18.77 -6.70 -0.58
CA LEU A 398 17.57 -6.09 -1.14
C LEU A 398 16.68 -7.12 -1.81
N GLY A 399 17.27 -8.14 -2.44
CA GLY A 399 16.51 -9.14 -3.17
C GLY A 399 15.84 -10.19 -2.30
N LEU A 400 16.55 -10.71 -1.31
CA LEU A 400 16.00 -11.72 -0.44
C LEU A 400 14.71 -11.28 0.25
N ASP A 401 14.69 -10.06 0.78
CA ASP A 401 13.51 -9.60 1.52
C ASP A 401 12.25 -9.61 0.65
N SER A 402 12.35 -9.04 -0.54
CA SER A 402 11.20 -8.98 -1.43
C SER A 402 10.79 -10.39 -1.81
N GLN A 403 11.77 -11.25 -2.07
CA GLN A 403 11.48 -12.63 -2.43
C GLN A 403 10.68 -13.29 -1.33
N PHE A 404 11.21 -13.30 -0.11
CA PHE A 404 10.53 -13.96 0.99
C PHE A 404 9.10 -13.43 1.12
N VAL A 405 8.93 -12.12 1.04
CA VAL A 405 7.61 -11.55 1.31
C VAL A 405 6.58 -12.08 0.32
N GLU A 406 6.93 -12.12 -0.96
CA GLU A 406 5.96 -12.51 -1.98
C GLU A 406 5.85 -14.02 -2.15
N VAL A 407 6.89 -14.79 -1.82
CA VAL A 407 6.72 -16.23 -1.74
C VAL A 407 5.75 -16.58 -0.63
N GLU A 408 5.92 -15.94 0.54
CA GLU A 408 4.96 -16.13 1.62
C GLU A 408 3.58 -15.66 1.23
N GLY A 409 3.48 -14.58 0.45
CA GLY A 409 2.18 -14.14 -0.03
C GLY A 409 1.51 -15.14 -0.93
N GLN A 410 2.28 -15.76 -1.84
CA GLN A 410 1.72 -16.79 -2.72
C GLN A 410 1.23 -18.00 -1.90
N ILE A 411 2.06 -18.45 -0.96
CA ILE A 411 1.66 -19.59 -0.13
C ILE A 411 0.43 -19.24 0.69
N THR A 412 0.39 -18.03 1.26
CA THR A 412 -0.77 -17.60 2.03
C THR A 412 -2.02 -17.56 1.16
N SER A 413 -1.90 -17.06 -0.08
CA SER A 413 -3.03 -16.97 -0.97
C SER A 413 -3.53 -18.33 -1.43
N LEU A 414 -2.64 -19.32 -1.49
CA LEU A 414 -3.05 -20.65 -1.98
C LEU A 414 -3.55 -21.58 -0.88
N VAL A 415 -2.93 -21.56 0.31
CA VAL A 415 -3.43 -22.43 1.37
C VAL A 415 -4.82 -22.03 1.82
N ASP A 416 -5.20 -20.78 1.72
CA ASP A 416 -6.57 -20.39 2.04
C ASP A 416 -7.61 -21.04 1.14
N LEU A 417 -7.23 -21.62 0.02
CA LEU A 417 -8.18 -22.39 -0.76
C LEU A 417 -8.50 -23.72 -0.09
N TYR A 418 -7.51 -24.34 0.55
CA TYR A 418 -7.67 -25.67 1.14
C TYR A 418 -7.05 -25.67 2.53
N PRO A 419 -7.60 -24.87 3.46
CA PRO A 419 -7.01 -24.80 4.80
C PRO A 419 -7.10 -26.10 5.58
N SER A 420 -7.98 -27.01 5.18
CA SER A 420 -8.07 -28.32 5.83
C SER A 420 -7.15 -29.35 5.17
N PHE A 421 -7.26 -29.50 3.85
CA PHE A 421 -6.44 -30.49 3.15
C PHE A 421 -4.96 -30.14 3.25
N LEU A 422 -4.62 -28.86 3.11
CA LEU A 422 -3.24 -28.39 3.21
C LEU A 422 -2.97 -27.77 4.58
N ARG A 423 -3.60 -28.31 5.62
CA ARG A 423 -3.44 -27.77 6.96
C ARG A 423 -1.99 -27.86 7.41
N LYS A 424 -1.72 -27.26 8.57
CA LYS A 424 -0.38 -27.27 9.15
C LYS A 424 0.11 -28.70 9.35
N GLY A 425 1.44 -28.84 9.42
CA GLY A 425 2.07 -30.14 9.54
C GLY A 425 2.95 -30.47 8.37
N TYR A 426 3.01 -31.76 8.00
CA TYR A 426 3.82 -32.17 6.86
C TYR A 426 3.29 -31.60 5.56
N ARG A 427 2.02 -31.21 5.53
CA ARG A 427 1.41 -30.74 4.28
C ARG A 427 2.11 -29.50 3.76
N ARG A 428 2.38 -28.53 4.63
CA ARG A 428 3.10 -27.33 4.22
C ARG A 428 4.52 -27.68 3.78
N GLU A 429 5.20 -28.54 4.54
CA GLU A 429 6.56 -28.92 4.18
C GLU A 429 6.61 -29.49 2.78
N ILE A 430 5.64 -30.33 2.43
CA ILE A 430 5.60 -30.91 1.08
C ILE A 430 5.24 -29.84 0.05
N PHE A 431 4.22 -29.03 0.37
CA PHE A 431 3.64 -28.11 -0.62
C PHE A 431 4.62 -27.02 -1.03
N ILE A 432 5.33 -26.44 -0.05
CA ILE A 432 6.25 -25.35 -0.34
C ILE A 432 7.33 -25.83 -1.30
N ALA A 433 7.90 -27.01 -1.02
CA ALA A 433 8.90 -27.58 -1.91
C ALA A 433 8.29 -27.97 -3.26
N PHE A 434 7.05 -28.45 -3.27
CA PHE A 434 6.41 -28.81 -4.53
C PHE A 434 6.26 -27.60 -5.44
N VAL A 435 6.13 -26.41 -4.88
CA VAL A 435 6.08 -25.20 -5.69
C VAL A 435 7.49 -24.69 -6.03
N CYS A 436 8.39 -24.72 -5.06
CA CYS A 436 9.73 -24.16 -5.25
C CYS A 436 10.55 -24.97 -6.25
N SER A 437 10.41 -26.30 -6.24
CA SER A 437 11.16 -27.12 -7.18
C SER A 437 10.73 -26.87 -8.61
N ILE A 438 9.42 -26.72 -8.85
CA ILE A 438 8.96 -26.39 -10.20
C ILE A 438 9.39 -24.99 -10.58
N SER A 439 9.42 -24.06 -9.61
CA SER A 439 9.94 -22.73 -9.89
C SER A 439 11.40 -22.79 -10.31
N TYR A 440 12.18 -23.63 -9.64
CA TYR A 440 13.59 -23.79 -9.99
C TYR A 440 13.75 -24.37 -11.38
N LEU A 441 13.04 -25.46 -11.68
CA LEU A 441 13.20 -26.10 -12.98
C LEU A 441 12.62 -25.26 -14.11
N LEU A 442 11.76 -24.28 -13.80
CA LEU A 442 11.34 -23.35 -14.84
C LEU A 442 12.37 -22.23 -15.02
N GLY A 443 12.88 -21.67 -13.92
CA GLY A 443 13.91 -20.66 -14.03
C GLY A 443 15.17 -21.18 -14.67
N LEU A 444 15.40 -22.50 -14.60
CA LEU A 444 16.57 -23.10 -15.21
C LEU A 444 16.58 -22.95 -16.73
N THR A 445 15.43 -22.66 -17.34
CA THR A 445 15.36 -22.60 -18.79
C THR A 445 16.10 -21.41 -19.38
N MET A 446 16.48 -20.42 -18.56
CA MET A 446 17.00 -19.16 -19.07
C MET A 446 18.37 -18.80 -18.49
N VAL A 447 19.11 -19.78 -17.96
CA VAL A 447 20.53 -19.60 -17.69
C VAL A 447 21.38 -20.34 -18.71
N THR A 448 20.79 -20.78 -19.82
CA THR A 448 21.52 -21.32 -20.94
C THR A 448 22.20 -20.19 -21.71
N GLU A 449 23.02 -20.57 -22.69
CA GLU A 449 23.74 -19.57 -23.47
C GLU A 449 22.79 -18.61 -24.17
N GLY A 450 21.59 -19.07 -24.49
CA GLY A 450 20.53 -18.25 -25.05
C GLY A 450 19.58 -17.64 -24.04
N GLY A 451 19.95 -17.64 -22.76
CA GLY A 451 18.99 -17.27 -21.73
C GLY A 451 18.50 -15.85 -21.84
N MET A 452 19.40 -14.91 -22.16
CA MET A 452 19.05 -13.49 -22.08
C MET A 452 17.86 -13.16 -22.98
N TYR A 453 17.79 -13.78 -24.16
CA TYR A 453 16.68 -13.51 -25.07
C TYR A 453 15.35 -14.03 -24.53
N VAL A 454 15.38 -14.96 -23.59
CA VAL A 454 14.16 -15.42 -22.94
C VAL A 454 13.83 -14.58 -21.72
N PHE A 455 14.87 -14.16 -20.99
CA PHE A 455 14.68 -13.29 -19.84
C PHE A 455 14.07 -11.97 -20.28
N GLN A 456 14.52 -11.43 -21.41
CA GLN A 456 13.93 -10.20 -21.93
C GLN A 456 12.46 -10.41 -22.27
N LEU A 457 12.11 -11.56 -22.84
CA LEU A 457 10.73 -11.82 -23.22
C LEU A 457 9.84 -11.93 -22.00
N PHE A 458 10.32 -12.63 -20.96
CA PHE A 458 9.60 -12.66 -19.69
C PHE A 458 9.42 -11.24 -19.14
N ASP A 459 10.51 -10.49 -19.04
CA ASP A 459 10.44 -9.16 -18.44
C ASP A 459 9.49 -8.25 -19.20
N TYR A 460 9.36 -8.45 -20.51
CA TYR A 460 8.48 -7.58 -21.28
C TYR A 460 7.02 -8.00 -21.19
N TYR A 461 6.74 -9.32 -21.25
CA TYR A 461 5.36 -9.79 -21.30
C TYR A 461 4.84 -10.34 -19.98
N ALA A 462 5.67 -11.05 -19.23
CA ALA A 462 5.20 -11.76 -18.04
C ALA A 462 5.22 -10.84 -16.83
N ALA A 463 4.04 -10.59 -16.27
CA ALA A 463 3.87 -9.90 -14.99
C ALA A 463 4.46 -8.49 -15.00
N SER A 464 4.76 -7.94 -16.17
CA SER A 464 5.40 -6.63 -16.24
C SER A 464 4.85 -5.78 -17.37
N GLY A 465 3.59 -5.99 -17.75
CA GLY A 465 3.02 -5.30 -18.89
C GLY A 465 1.52 -5.20 -18.85
N VAL A 466 0.88 -5.43 -20.00
CA VAL A 466 -0.53 -5.11 -20.19
C VAL A 466 -1.40 -5.81 -19.16
N CYS A 467 -0.96 -6.97 -18.67
CA CYS A 467 -1.71 -7.69 -17.65
C CYS A 467 -2.04 -6.79 -16.47
N LEU A 468 -1.08 -5.93 -16.08
CA LEU A 468 -1.29 -5.07 -14.93
C LEU A 468 -2.39 -4.04 -15.21
N LEU A 469 -2.41 -3.49 -16.43
CA LEU A 469 -3.48 -2.57 -16.79
C LEU A 469 -4.84 -3.27 -16.75
N TRP A 470 -4.89 -4.48 -17.29
CA TRP A 470 -6.14 -5.25 -17.28
C TRP A 470 -6.65 -5.45 -15.86
N VAL A 471 -5.77 -5.94 -14.99
CA VAL A 471 -6.15 -6.29 -13.63
C VAL A 471 -6.58 -5.04 -12.86
N ALA A 472 -5.78 -3.96 -12.96
CA ALA A 472 -6.10 -2.74 -12.24
C ALA A 472 -7.40 -2.12 -12.74
N PHE A 473 -7.64 -2.15 -14.05
CA PHE A 473 -8.90 -1.64 -14.58
C PHE A 473 -10.08 -2.39 -13.98
N PHE A 474 -10.01 -3.73 -13.97
CA PHE A 474 -11.16 -4.47 -13.45
C PHE A 474 -11.32 -4.31 -11.94
N GLU A 475 -10.21 -4.22 -11.20
CA GLU A 475 -10.34 -4.00 -9.75
C GLU A 475 -11.04 -2.67 -9.48
N CYS A 476 -10.57 -1.60 -10.10
CA CYS A 476 -11.18 -0.29 -9.87
C CYS A 476 -12.62 -0.27 -10.35
N PHE A 477 -12.90 -0.87 -11.51
CA PHE A 477 -14.26 -0.92 -12.02
C PHE A 477 -15.18 -1.61 -11.04
N VAL A 478 -14.81 -2.80 -10.57
CA VAL A 478 -15.64 -3.51 -9.59
C VAL A 478 -15.91 -2.60 -8.41
N ILE A 479 -14.85 -2.21 -7.70
CA ILE A 479 -15.04 -1.53 -6.42
C ILE A 479 -15.87 -0.26 -6.59
N ALA A 480 -15.60 0.52 -7.64
CA ALA A 480 -16.27 1.80 -7.79
C ALA A 480 -17.71 1.65 -8.24
N TRP A 481 -17.97 0.86 -9.28
CA TRP A 481 -19.25 0.91 -9.98
C TRP A 481 -20.19 -0.24 -9.67
N ILE A 482 -19.69 -1.40 -9.25
CA ILE A 482 -20.58 -2.53 -9.01
C ILE A 482 -20.82 -2.65 -7.50
N TYR A 483 -19.73 -2.80 -6.75
CA TYR A 483 -19.86 -2.88 -5.30
C TYR A 483 -20.33 -1.57 -4.68
N GLY A 484 -20.06 -0.45 -5.34
CA GLY A 484 -20.52 0.84 -4.86
C GLY A 484 -19.48 1.61 -4.10
N GLY A 485 -19.08 2.76 -4.65
CA GLY A 485 -18.15 3.63 -3.96
C GLY A 485 -18.69 4.13 -2.64
N ASN A 486 -19.99 4.39 -2.56
CA ASN A 486 -20.59 4.84 -1.31
C ASN A 486 -20.49 3.76 -0.24
N ARG A 487 -20.86 2.52 -0.58
CA ARG A 487 -20.79 1.43 0.38
C ARG A 487 -19.35 1.19 0.82
N PHE A 488 -18.41 1.25 -0.12
CA PHE A 488 -17.02 1.00 0.25
C PHE A 488 -16.45 2.15 1.09
N SER A 489 -16.88 3.38 0.81
CA SER A 489 -16.48 4.51 1.63
C SER A 489 -17.03 4.36 3.05
N GLU A 490 -18.26 3.88 3.19
CA GLU A 490 -18.80 3.64 4.52
C GLU A 490 -17.99 2.56 5.25
N ASP A 491 -17.62 1.49 4.54
CA ASP A 491 -16.79 0.46 5.15
C ASP A 491 -15.45 1.03 5.61
N ILE A 492 -14.83 1.85 4.76
CA ILE A 492 -13.56 2.46 5.14
C ILE A 492 -13.73 3.37 6.34
N ARG A 493 -14.86 4.08 6.41
CA ARG A 493 -15.13 4.91 7.57
C ARG A 493 -15.22 4.06 8.83
N ASP A 494 -15.94 2.93 8.75
CA ASP A 494 -16.08 2.08 9.92
C ASP A 494 -14.73 1.53 10.38
N MET A 495 -13.85 1.17 9.43
CA MET A 495 -12.55 0.64 9.83
C MET A 495 -11.64 1.74 10.36
N ILE A 496 -11.42 2.79 9.57
CA ILE A 496 -10.42 3.79 9.88
C ILE A 496 -10.97 4.88 10.80
N GLY A 497 -12.25 5.23 10.65
CA GLY A 497 -12.86 6.34 11.36
C GLY A 497 -13.05 7.58 10.52
N PHE A 498 -12.44 7.65 9.34
CA PHE A 498 -12.60 8.77 8.43
C PHE A 498 -12.81 8.26 7.01
N PRO A 499 -13.66 8.90 6.22
CA PRO A 499 -13.86 8.46 4.83
C PRO A 499 -12.67 8.81 3.96
N PRO A 500 -12.54 8.17 2.79
CA PRO A 500 -11.30 8.31 2.01
C PRO A 500 -11.12 9.67 1.37
N GLY A 501 -12.20 10.36 1.01
CA GLY A 501 -12.10 11.69 0.44
C GLY A 501 -12.01 11.73 -1.08
N PRO A 502 -12.01 12.95 -1.64
CA PRO A 502 -12.14 13.09 -3.11
C PRO A 502 -11.04 12.43 -3.91
N TRP A 503 -9.79 12.53 -3.46
CA TRP A 503 -8.68 12.02 -4.26
C TRP A 503 -8.86 10.54 -4.54
N MET A 504 -9.07 9.75 -3.50
CA MET A 504 -9.30 8.32 -3.68
C MET A 504 -10.57 8.05 -4.47
N LYS A 505 -11.67 8.74 -4.12
CA LYS A 505 -12.94 8.45 -4.77
C LYS A 505 -12.85 8.62 -6.27
N TYR A 506 -12.35 9.78 -6.74
CA TYR A 506 -12.28 10.02 -8.18
C TYR A 506 -11.13 9.26 -8.83
N SER A 507 -10.03 9.02 -8.13
CA SER A 507 -8.97 8.21 -8.71
C SER A 507 -9.49 6.82 -9.03
N TRP A 508 -10.31 6.25 -8.15
CA TRP A 508 -10.91 4.95 -8.44
C TRP A 508 -11.98 5.07 -9.53
N ALA A 509 -12.86 6.06 -9.41
CA ALA A 509 -14.07 6.07 -10.25
C ALA A 509 -13.78 6.45 -11.69
N VAL A 510 -12.88 7.41 -11.94
CA VAL A 510 -12.73 7.99 -13.27
C VAL A 510 -11.30 7.88 -13.78
N ILE A 511 -10.33 8.37 -13.01
CA ILE A 511 -8.99 8.57 -13.55
C ILE A 511 -8.36 7.24 -13.94
N THR A 512 -8.35 6.27 -13.03
CA THR A 512 -7.68 5.00 -13.32
C THR A 512 -8.31 4.27 -14.50
N PRO A 513 -9.62 4.07 -14.57
CA PRO A 513 -10.19 3.40 -15.75
C PRO A 513 -9.83 4.07 -17.06
N VAL A 514 -9.87 5.40 -17.09
CA VAL A 514 -9.62 6.13 -18.33
C VAL A 514 -8.17 5.97 -18.75
N LEU A 515 -7.23 6.06 -17.78
CA LEU A 515 -5.82 5.88 -18.11
C LEU A 515 -5.55 4.46 -18.63
N CYS A 516 -6.14 3.46 -17.97
CA CYS A 516 -5.92 2.08 -18.38
C CYS A 516 -6.51 1.80 -19.75
N VAL A 517 -7.65 2.41 -20.07
CA VAL A 517 -8.24 2.24 -21.40
C VAL A 517 -7.39 2.96 -22.43
N GLY A 518 -6.94 4.17 -22.11
CA GLY A 518 -6.17 4.95 -23.06
C GLY A 518 -4.87 4.27 -23.45
N CYS A 519 -4.11 3.81 -22.46
CA CYS A 519 -2.87 3.10 -22.78
C CYS A 519 -3.15 1.82 -23.56
N PHE A 520 -4.18 1.08 -23.16
CA PHE A 520 -4.46 -0.19 -23.80
C PHE A 520 -4.83 -0.01 -25.26
N ILE A 521 -5.59 1.03 -25.57
CA ILE A 521 -5.97 1.29 -26.95
C ILE A 521 -4.81 1.88 -27.74
N PHE A 522 -4.07 2.81 -27.12
CA PHE A 522 -2.99 3.50 -27.80
C PHE A 522 -1.89 2.53 -28.19
N SER A 523 -1.63 1.52 -27.35
CA SER A 523 -0.62 0.52 -27.66
C SER A 523 -0.96 -0.25 -28.92
N LEU A 524 -2.25 -0.53 -29.16
CA LEU A 524 -2.66 -1.43 -30.22
C LEU A 524 -3.02 -0.70 -31.51
N VAL A 525 -3.34 0.59 -31.44
CA VAL A 525 -3.55 1.33 -32.68
C VAL A 525 -2.22 1.76 -33.28
N LYS A 526 -1.16 1.87 -32.47
CA LYS A 526 0.18 2.25 -32.91
C LYS A 526 1.20 1.17 -32.56
N TYR A 527 0.90 -0.08 -32.92
CA TYR A 527 1.69 -1.20 -32.44
C TYR A 527 3.09 -1.22 -33.06
N VAL A 528 4.05 -1.67 -32.26
CA VAL A 528 5.43 -1.87 -32.71
C VAL A 528 5.94 -3.16 -32.06
N PRO A 529 6.75 -3.97 -32.74
CA PRO A 529 7.21 -5.23 -32.15
C PRO A 529 8.37 -5.04 -31.19
N LEU A 530 8.56 -6.05 -30.33
CA LEU A 530 9.66 -6.07 -29.37
C LEU A 530 11.00 -6.25 -30.06
N THR A 531 12.04 -5.66 -29.46
CA THR A 531 13.41 -5.82 -29.93
C THR A 531 14.35 -5.81 -28.73
N TYR A 532 15.44 -6.57 -28.84
CA TYR A 532 16.44 -6.67 -27.78
C TYR A 532 17.64 -5.79 -28.09
N ASN A 533 18.08 -5.02 -27.09
CA ASN A 533 19.25 -4.15 -27.20
C ASN A 533 19.17 -3.24 -28.42
N LYS A 534 17.95 -2.90 -28.84
CA LYS A 534 17.68 -1.96 -29.92
C LYS A 534 18.32 -2.38 -31.24
N THR A 535 18.80 -3.62 -31.35
CA THR A 535 19.37 -4.09 -32.61
C THR A 535 18.91 -5.48 -33.01
N TYR A 536 18.28 -6.24 -32.12
CA TYR A 536 17.91 -7.62 -32.37
C TYR A 536 16.40 -7.72 -32.52
N VAL A 537 15.94 -8.37 -33.59
CA VAL A 537 14.52 -8.51 -33.89
C VAL A 537 14.10 -9.94 -33.61
N TYR A 538 12.99 -10.10 -32.88
CA TYR A 538 12.54 -11.41 -32.44
C TYR A 538 11.81 -12.14 -33.58
N PRO A 539 11.94 -13.46 -33.67
CA PRO A 539 11.10 -14.22 -34.59
C PRO A 539 9.64 -14.19 -34.17
N ASN A 540 8.77 -14.55 -35.11
CA ASN A 540 7.33 -14.54 -34.84
C ASN A 540 6.96 -15.52 -33.74
N TRP A 541 7.66 -16.65 -33.65
CA TRP A 541 7.34 -17.65 -32.63
C TRP A 541 7.64 -17.13 -31.22
N ALA A 542 8.68 -16.32 -31.06
CA ALA A 542 8.96 -15.71 -29.76
C ALA A 542 7.85 -14.73 -29.36
N ILE A 543 7.39 -13.91 -30.31
CA ILE A 543 6.34 -12.94 -30.02
C ILE A 543 5.04 -13.66 -29.70
N GLY A 544 4.74 -14.73 -30.43
CA GLY A 544 3.56 -15.51 -30.14
C GLY A 544 3.61 -16.13 -28.76
N LEU A 545 4.80 -16.64 -28.37
CA LEU A 545 4.96 -17.16 -27.02
C LEU A 545 4.76 -16.08 -25.97
N GLY A 546 5.23 -14.86 -26.26
CA GLY A 546 5.03 -13.77 -25.31
C GLY A 546 3.57 -13.41 -25.12
N TRP A 547 2.83 -13.29 -26.22
CA TRP A 547 1.40 -13.01 -26.11
C TRP A 547 0.65 -14.16 -25.46
N SER A 548 1.08 -15.40 -25.69
CA SER A 548 0.48 -16.51 -24.96
C SER A 548 0.74 -16.38 -23.47
N LEU A 549 1.96 -15.98 -23.08
CA LEU A 549 2.30 -15.82 -21.68
C LEU A 549 1.43 -14.76 -21.03
N ALA A 550 1.20 -13.65 -21.73
CA ALA A 550 0.36 -12.58 -21.19
C ALA A 550 -1.11 -13.01 -21.13
N LEU A 551 -1.59 -13.69 -22.17
CA LEU A 551 -2.99 -14.11 -22.18
C LEU A 551 -3.28 -15.12 -21.08
N SER A 552 -2.32 -15.99 -20.77
CA SER A 552 -2.52 -16.95 -19.69
C SER A 552 -2.89 -16.23 -18.40
N SER A 553 -2.41 -15.00 -18.21
CA SER A 553 -2.80 -14.20 -17.06
C SER A 553 -4.12 -13.48 -17.31
N MET A 554 -4.27 -12.84 -18.47
CA MET A 554 -5.44 -11.98 -18.68
C MET A 554 -6.74 -12.77 -18.64
N LEU A 555 -6.76 -13.96 -19.27
CA LEU A 555 -8.02 -14.63 -19.55
C LEU A 555 -8.75 -15.12 -18.30
N CYS A 556 -8.11 -15.13 -17.14
CA CYS A 556 -8.75 -15.68 -15.95
C CYS A 556 -10.01 -14.89 -15.57
N VAL A 557 -10.06 -13.60 -15.91
CA VAL A 557 -11.18 -12.75 -15.50
C VAL A 557 -12.44 -13.16 -16.27
N PRO A 558 -12.43 -13.15 -17.61
CA PRO A 558 -13.66 -13.49 -18.33
C PRO A 558 -14.05 -14.96 -18.21
N LEU A 559 -13.08 -15.86 -18.05
CA LEU A 559 -13.38 -17.29 -18.02
C LEU A 559 -14.17 -17.66 -16.76
N VAL A 560 -13.70 -17.17 -15.61
CA VAL A 560 -14.36 -17.53 -14.36
C VAL A 560 -15.79 -17.01 -14.35
N ILE A 561 -16.04 -15.88 -15.02
CA ILE A 561 -17.42 -15.38 -15.10
C ILE A 561 -18.32 -16.42 -15.73
N VAL A 562 -17.88 -17.01 -16.85
CA VAL A 562 -18.70 -18.02 -17.51
C VAL A 562 -18.83 -19.25 -16.63
N ILE A 563 -17.74 -19.66 -15.98
CA ILE A 563 -17.78 -20.85 -15.15
C ILE A 563 -18.79 -20.68 -14.02
N ARG A 564 -18.77 -19.54 -13.35
CA ARG A 564 -19.73 -19.28 -12.27
C ARG A 564 -21.15 -19.19 -12.81
N LEU A 565 -21.34 -18.51 -13.94
CA LEU A 565 -22.69 -18.24 -14.41
C LEU A 565 -23.37 -19.51 -14.89
N CYS A 566 -22.65 -20.33 -15.66
CA CYS A 566 -23.23 -21.59 -16.14
C CYS A 566 -23.51 -22.56 -15.00
N GLN A 567 -22.89 -22.37 -13.83
CA GLN A 567 -23.04 -23.30 -12.72
C GLN A 567 -24.20 -22.99 -11.80
N THR A 568 -24.97 -21.92 -12.04
CA THR A 568 -26.05 -21.52 -11.15
C THR A 568 -27.40 -21.75 -11.83
N GLU A 569 -28.35 -22.30 -11.08
CA GLU A 569 -29.66 -22.65 -11.61
C GLU A 569 -30.51 -21.39 -11.83
N GLY A 570 -31.67 -21.61 -12.46
CA GLY A 570 -32.63 -20.57 -12.71
C GLY A 570 -32.32 -19.73 -13.94
N PRO A 571 -33.18 -18.75 -14.23
CA PRO A 571 -32.92 -17.87 -15.38
C PRO A 571 -31.74 -16.95 -15.13
N PHE A 572 -31.14 -16.49 -16.23
CA PHE A 572 -29.89 -15.76 -16.14
C PHE A 572 -30.02 -14.51 -15.27
N LEU A 573 -31.16 -13.83 -15.32
CA LEU A 573 -31.31 -12.61 -14.56
C LEU A 573 -31.28 -12.88 -13.06
N VAL A 574 -31.73 -14.05 -12.64
CA VAL A 574 -31.57 -14.46 -11.25
C VAL A 574 -30.16 -14.99 -11.01
N ARG A 575 -29.59 -15.64 -12.03
CA ARG A 575 -28.26 -16.24 -11.88
C ARG A 575 -27.21 -15.17 -11.60
N VAL A 576 -27.27 -14.04 -12.31
CA VAL A 576 -26.29 -12.98 -12.09
C VAL A 576 -26.58 -12.25 -10.78
N LYS A 577 -27.86 -12.12 -10.42
CA LYS A 577 -28.21 -11.51 -9.15
C LYS A 577 -27.66 -12.30 -7.97
N TYR A 578 -27.66 -13.63 -8.07
CA TYR A 578 -27.10 -14.44 -7.00
C TYR A 578 -25.60 -14.21 -6.83
N LEU A 579 -24.89 -13.97 -7.93
CA LEU A 579 -23.43 -13.87 -7.87
C LEU A 579 -22.95 -12.44 -7.64
N LEU A 580 -23.78 -11.44 -7.91
CA LEU A 580 -23.38 -10.06 -7.64
C LEU A 580 -23.48 -9.69 -6.17
N THR A 581 -23.95 -10.60 -5.32
CA THR A 581 -24.18 -10.32 -3.91
C THR A 581 -23.10 -10.99 -3.06
N PRO A 582 -22.54 -10.30 -2.06
CA PRO A 582 -21.55 -10.95 -1.19
C PRO A 582 -22.08 -12.25 -0.61
N ARG A 583 -21.23 -13.27 -0.59
CA ARG A 583 -21.66 -14.63 -0.29
C ARG A 583 -21.13 -15.15 1.04
N GLU A 584 -19.83 -15.12 1.25
CA GLU A 584 -19.23 -15.85 2.37
C GLU A 584 -19.12 -15.01 3.64
N GLU B 1 -25.52 27.81 9.61
CA GLU B 1 -26.03 27.02 8.46
C GLU B 1 -26.65 25.69 8.91
N VAL B 2 -25.82 24.82 9.48
CA VAL B 2 -26.31 23.50 9.89
C VAL B 2 -27.32 23.65 11.01
N GLN B 3 -28.36 22.81 10.98
CA GLN B 3 -29.42 22.87 11.98
C GLN B 3 -29.80 21.46 12.39
N LEU B 4 -30.03 21.28 13.69
CA LEU B 4 -30.60 20.04 14.22
C LEU B 4 -31.66 20.40 15.24
N VAL B 5 -32.79 19.69 15.20
CA VAL B 5 -33.87 19.93 16.15
C VAL B 5 -34.58 18.62 16.46
N GLU B 6 -34.61 18.23 17.73
CA GLU B 6 -35.29 17.03 18.14
C GLU B 6 -36.76 17.32 18.42
N SER B 7 -37.58 16.26 18.38
CA SER B 7 -39.00 16.36 18.63
C SER B 7 -39.44 15.14 19.42
N GLY B 8 -40.59 15.27 20.08
CA GLY B 8 -41.11 14.21 20.91
C GLY B 8 -40.50 14.21 22.30
N GLY B 9 -41.18 13.51 23.21
CA GLY B 9 -40.75 13.45 24.60
C GLY B 9 -41.83 13.92 25.56
N GLY B 10 -41.99 13.20 26.67
CA GLY B 10 -42.99 13.55 27.65
C GLY B 10 -43.10 12.48 28.72
N LEU B 11 -44.17 12.58 29.49
CA LEU B 11 -44.41 11.64 30.58
C LEU B 11 -44.98 10.34 30.05
N VAL B 12 -44.48 9.22 30.57
CA VAL B 12 -44.96 7.89 30.23
C VAL B 12 -44.94 7.02 31.47
N LYS B 13 -45.74 5.97 31.44
CA LYS B 13 -45.73 5.01 32.53
C LYS B 13 -44.46 4.16 32.45
N PRO B 14 -43.89 3.73 33.57
CA PRO B 14 -42.74 2.82 33.51
C PRO B 14 -43.11 1.55 32.76
N GLY B 15 -42.16 1.08 31.94
CA GLY B 15 -42.42 -0.03 31.05
C GLY B 15 -43.14 0.34 29.77
N GLY B 16 -43.49 1.61 29.59
CA GLY B 16 -44.13 2.06 28.37
C GLY B 16 -43.13 2.17 27.23
N SER B 17 -43.62 2.68 26.10
CA SER B 17 -42.83 2.84 24.89
C SER B 17 -43.01 4.26 24.34
N LEU B 18 -41.93 4.81 23.80
CA LEU B 18 -41.93 6.15 23.24
C LEU B 18 -40.94 6.21 22.09
N LYS B 19 -41.21 7.11 21.13
CA LYS B 19 -40.39 7.27 19.94
C LYS B 19 -39.96 8.73 19.82
N LEU B 20 -38.66 8.96 19.75
CA LEU B 20 -38.11 10.29 19.52
C LEU B 20 -37.67 10.43 18.06
N SER B 21 -37.47 11.68 17.65
CA SER B 21 -37.04 11.99 16.29
C SER B 21 -36.13 13.21 16.31
N CYS B 22 -35.32 13.34 15.25
CA CYS B 22 -34.36 14.43 15.11
C CYS B 22 -34.32 14.86 13.66
N ALA B 23 -34.90 16.03 13.37
CA ALA B 23 -34.86 16.59 12.02
C ALA B 23 -33.56 17.34 11.80
N ALA B 24 -33.09 17.31 10.55
CA ALA B 24 -31.82 17.92 10.18
C ALA B 24 -32.00 18.81 8.96
N SER B 25 -31.13 19.81 8.86
CA SER B 25 -31.12 20.72 7.72
C SER B 25 -29.72 21.27 7.52
N GLY B 26 -29.46 21.77 6.32
CA GLY B 26 -28.23 22.47 6.00
C GLY B 26 -27.06 21.63 5.57
N PHE B 27 -27.22 20.31 5.48
CA PHE B 27 -26.12 19.44 5.09
C PHE B 27 -26.68 18.18 4.43
N THR B 28 -25.81 17.46 3.72
CA THR B 28 -26.19 16.25 3.01
C THR B 28 -26.37 15.12 4.02
N PHE B 29 -27.60 15.02 4.53
CA PHE B 29 -27.90 14.12 5.64
C PHE B 29 -27.58 12.66 5.31
N SER B 30 -27.51 12.30 4.04
CA SER B 30 -27.20 10.92 3.66
C SER B 30 -25.77 10.52 3.95
N SER B 31 -24.88 11.48 4.20
CA SER B 31 -23.46 11.21 4.35
C SER B 31 -23.06 11.05 5.83
N TYR B 32 -23.41 12.03 6.65
CA TYR B 32 -22.87 12.11 8.01
C TYR B 32 -23.48 11.05 8.92
N ALA B 33 -22.62 10.39 9.69
CA ALA B 33 -23.09 9.47 10.73
C ALA B 33 -23.72 10.24 11.87
N MET B 34 -24.63 9.59 12.58
CA MET B 34 -25.43 10.23 13.61
C MET B 34 -25.42 9.40 14.89
N SER B 35 -25.52 10.08 16.03
CA SER B 35 -25.55 9.44 17.33
C SER B 35 -26.54 10.15 18.24
N TRP B 36 -26.99 9.44 19.27
CA TRP B 36 -27.78 10.00 20.35
C TRP B 36 -27.02 9.95 21.66
N VAL B 37 -27.12 11.03 22.44
CA VAL B 37 -26.49 11.14 23.74
C VAL B 37 -27.48 11.77 24.70
N ARG B 38 -27.55 11.25 25.92
CA ARG B 38 -28.52 11.68 26.91
C ARG B 38 -27.80 12.19 28.15
N GLN B 39 -28.42 13.19 28.79
CA GLN B 39 -27.89 13.79 30.00
C GLN B 39 -28.88 13.57 31.13
N SER B 40 -28.41 12.96 32.21
CA SER B 40 -29.26 12.64 33.35
C SER B 40 -29.61 13.91 34.11
N PRO B 41 -30.65 13.87 34.97
CA PRO B 41 -30.88 15.00 35.87
C PRO B 41 -29.72 15.26 36.80
N GLU B 42 -28.83 14.29 37.00
CA GLU B 42 -27.56 14.52 37.68
C GLU B 42 -26.53 15.16 36.77
N LYS B 43 -26.91 15.58 35.57
CA LYS B 43 -26.02 16.31 34.66
C LYS B 43 -24.93 15.43 34.06
N ARG B 44 -24.94 14.14 34.36
CA ARG B 44 -23.94 13.23 33.80
C ARG B 44 -24.31 12.85 32.37
N LEU B 45 -23.33 12.93 31.47
CA LEU B 45 -23.53 12.53 30.08
C LEU B 45 -23.34 11.03 29.92
N GLU B 46 -24.16 10.42 29.07
CA GLU B 46 -24.06 9.01 28.75
C GLU B 46 -24.34 8.79 27.27
N TRP B 47 -23.50 8.00 26.62
CA TRP B 47 -23.71 7.66 25.22
C TRP B 47 -24.73 6.53 25.10
N VAL B 48 -25.48 6.56 23.99
CA VAL B 48 -26.60 5.64 23.81
C VAL B 48 -26.38 4.75 22.59
N ALA B 49 -26.33 5.35 21.40
CA ALA B 49 -26.23 4.55 20.18
C ALA B 49 -25.68 5.40 19.05
N GLU B 50 -25.13 4.72 18.05
CA GLU B 50 -24.60 5.32 16.83
C GLU B 50 -25.10 4.53 15.62
N ILE B 51 -25.32 5.23 14.51
CA ILE B 51 -25.73 4.60 13.25
C ILE B 51 -24.92 5.23 12.13
N SER B 52 -24.44 4.38 11.22
CA SER B 52 -23.53 4.82 10.16
C SER B 52 -24.30 5.55 9.05
N SER B 53 -23.56 5.96 8.01
CA SER B 53 -24.15 6.71 6.91
C SER B 53 -25.32 5.98 6.29
N GLY B 54 -25.12 4.71 5.92
CA GLY B 54 -26.14 3.93 5.27
C GLY B 54 -26.97 3.05 6.18
N GLY B 55 -26.76 3.14 7.50
CA GLY B 55 -27.48 2.30 8.43
C GLY B 55 -27.04 0.86 8.49
N ARG B 56 -25.96 0.52 7.77
CA ARG B 56 -25.51 -0.87 7.74
C ARG B 56 -24.81 -1.26 9.04
N TYR B 57 -24.06 -0.33 9.64
CA TYR B 57 -23.36 -0.56 10.89
C TYR B 57 -24.03 0.21 12.01
N ILE B 58 -24.31 -0.48 13.12
CA ILE B 58 -24.98 0.11 14.27
C ILE B 58 -24.31 -0.39 15.54
N TYR B 59 -24.14 0.51 16.51
CA TYR B 59 -23.55 0.18 17.80
C TYR B 59 -24.48 0.66 18.91
N TYR B 60 -24.48 -0.08 20.02
CA TYR B 60 -25.29 0.25 21.18
C TYR B 60 -24.43 0.33 22.45
N SER B 61 -24.87 1.16 23.38
CA SER B 61 -24.31 1.16 24.73
C SER B 61 -24.75 -0.09 25.47
N ASP B 62 -23.92 -0.51 26.44
CA ASP B 62 -24.15 -1.79 27.10
C ASP B 62 -25.47 -1.82 27.86
N THR B 63 -25.88 -0.69 28.45
CA THR B 63 -27.03 -0.69 29.35
C THR B 63 -28.35 -0.53 28.61
N VAL B 64 -28.34 -0.36 27.29
CA VAL B 64 -29.55 -0.22 26.50
C VAL B 64 -29.60 -1.19 25.33
N THR B 65 -28.62 -2.08 25.20
CA THR B 65 -28.49 -2.90 23.99
C THR B 65 -29.72 -3.77 23.73
N GLY B 66 -30.62 -3.93 24.70
CA GLY B 66 -31.76 -4.80 24.54
C GLY B 66 -33.10 -4.11 24.36
N ARG B 67 -33.14 -2.78 24.49
CA ARG B 67 -34.40 -2.06 24.57
C ARG B 67 -34.56 -0.95 23.54
N PHE B 68 -33.47 -0.40 23.00
CA PHE B 68 -33.54 0.76 22.11
C PHE B 68 -33.22 0.36 20.68
N THR B 69 -33.86 1.03 19.74
CA THR B 69 -33.63 0.83 18.31
C THR B 69 -33.34 2.16 17.65
N ILE B 70 -32.33 2.18 16.78
CA ILE B 70 -31.89 3.39 16.08
C ILE B 70 -32.13 3.19 14.59
N SER B 71 -32.64 4.22 13.91
CA SER B 71 -33.00 4.09 12.51
C SER B 71 -32.95 5.46 11.83
N ARG B 72 -33.02 5.43 10.50
CA ARG B 72 -32.91 6.60 9.65
C ARG B 72 -34.10 6.76 8.72
N ASP B 73 -34.33 8.00 8.29
CA ASP B 73 -35.18 8.31 7.13
C ASP B 73 -34.36 9.27 6.25
N ASN B 74 -33.53 8.72 5.37
CA ASN B 74 -32.66 9.56 4.55
C ASN B 74 -33.44 10.39 3.55
N ALA B 75 -34.55 9.85 3.01
CA ALA B 75 -35.29 10.56 1.99
C ALA B 75 -35.90 11.85 2.49
N ARG B 76 -35.99 12.04 3.82
CA ARG B 76 -36.60 13.25 4.36
C ARG B 76 -35.73 13.88 5.46
N ASN B 77 -34.48 13.46 5.60
CA ASN B 77 -33.54 14.05 6.55
C ASN B 77 -34.11 14.07 7.97
N ILE B 78 -34.57 12.90 8.41
CA ILE B 78 -35.05 12.71 9.78
C ILE B 78 -34.39 11.49 10.39
N LEU B 79 -34.01 11.62 11.66
CA LEU B 79 -33.44 10.53 12.44
C LEU B 79 -34.43 10.11 13.53
N HIS B 80 -34.52 8.81 13.79
CA HIS B 80 -35.48 8.27 14.74
C HIS B 80 -34.77 7.43 15.80
N LEU B 81 -35.34 7.45 17.01
CA LEU B 81 -34.96 6.54 18.08
C LEU B 81 -36.23 5.98 18.72
N GLU B 82 -36.29 4.65 18.83
CA GLU B 82 -37.44 3.96 19.40
C GLU B 82 -37.02 3.21 20.65
N MET B 83 -37.80 3.37 21.72
CA MET B 83 -37.54 2.72 23.00
C MET B 83 -38.68 1.77 23.34
N SER B 84 -38.32 0.57 23.80
CA SER B 84 -39.30 -0.50 24.00
C SER B 84 -39.79 -0.63 25.44
N SER B 85 -38.93 -0.44 26.43
CA SER B 85 -39.34 -0.65 27.83
C SER B 85 -38.55 0.33 28.70
N LEU B 86 -39.22 1.41 29.08
CA LEU B 86 -38.59 2.51 29.80
C LEU B 86 -38.61 2.24 31.30
N ARG B 87 -37.46 1.85 31.84
CA ARG B 87 -37.31 1.68 33.28
C ARG B 87 -37.16 3.04 33.96
N SER B 88 -37.11 3.00 35.30
CA SER B 88 -37.00 4.23 36.08
C SER B 88 -35.71 4.99 35.76
N GLU B 89 -34.67 4.28 35.33
CA GLU B 89 -33.37 4.91 35.09
C GLU B 89 -33.30 5.62 33.74
N ASP B 90 -34.34 5.51 32.90
CA ASP B 90 -34.26 6.03 31.54
C ASP B 90 -34.56 7.51 31.43
N THR B 91 -35.01 8.17 32.50
CA THR B 91 -35.38 9.58 32.39
C THR B 91 -34.12 10.43 32.17
N ALA B 92 -34.20 11.30 31.15
CA ALA B 92 -33.08 12.18 30.82
C ALA B 92 -33.49 13.16 29.73
N MET B 93 -32.57 14.04 29.34
CA MET B 93 -32.72 14.88 28.15
C MET B 93 -31.80 14.33 27.07
N TYR B 94 -32.36 14.07 25.89
CA TYR B 94 -31.69 13.32 24.85
C TYR B 94 -31.22 14.28 23.76
N TYR B 95 -29.94 14.20 23.40
CA TYR B 95 -29.33 15.07 22.41
C TYR B 95 -29.07 14.33 21.10
N CYS B 96 -29.13 15.08 20.00
CA CYS B 96 -28.87 14.55 18.67
C CYS B 96 -27.57 15.16 18.14
N ALA B 97 -26.61 14.32 17.78
CA ALA B 97 -25.23 14.76 17.52
C ALA B 97 -24.74 14.22 16.18
N ARG B 98 -24.07 15.07 15.42
CA ARG B 98 -23.53 14.75 14.08
C ARG B 98 -22.06 14.32 14.12
N GLY B 99 -21.71 13.28 14.87
CA GLY B 99 -20.34 12.81 14.97
C GLY B 99 -19.83 12.00 13.80
N GLU B 100 -19.50 12.65 12.68
CA GLU B 100 -19.07 11.91 11.49
C GLU B 100 -17.71 11.27 11.70
N VAL B 101 -16.67 12.08 11.87
CA VAL B 101 -15.28 11.61 11.87
C VAL B 101 -14.87 11.36 13.31
N ARG B 102 -14.41 10.13 13.59
CA ARG B 102 -14.06 9.77 14.96
C ARG B 102 -12.85 10.54 15.47
N GLN B 103 -11.93 10.91 14.58
CA GLN B 103 -10.78 11.72 15.00
C GLN B 103 -11.14 13.18 15.24
N ARG B 104 -12.42 13.57 15.15
CA ARG B 104 -12.77 14.98 15.26
C ARG B 104 -14.03 15.22 16.10
N GLY B 105 -14.61 14.18 16.70
CA GLY B 105 -15.62 14.39 17.71
C GLY B 105 -16.98 14.84 17.19
N PHE B 106 -17.83 15.24 18.14
CA PHE B 106 -19.21 15.62 17.89
C PHE B 106 -19.24 17.13 17.66
N ASP B 107 -19.18 17.52 16.39
CA ASP B 107 -19.03 18.94 16.07
C ASP B 107 -20.34 19.72 16.11
N TYR B 108 -21.49 19.05 16.02
CA TYR B 108 -22.77 19.73 16.12
C TYR B 108 -23.73 18.95 17.00
N TRP B 109 -24.50 19.68 17.81
CA TRP B 109 -25.46 19.13 18.74
C TRP B 109 -26.84 19.76 18.54
N GLY B 110 -27.88 18.99 18.79
CA GLY B 110 -29.23 19.50 18.79
C GLY B 110 -29.58 20.18 20.09
N GLN B 111 -30.84 20.62 20.19
CA GLN B 111 -31.32 21.26 21.41
C GLN B 111 -31.78 20.25 22.45
N GLY B 112 -32.34 19.12 22.01
CA GLY B 112 -32.70 18.05 22.91
C GLY B 112 -34.10 18.18 23.47
N THR B 113 -34.63 17.04 23.90
CA THR B 113 -35.98 16.96 24.47
C THR B 113 -35.96 16.07 25.69
N THR B 114 -36.86 16.35 26.63
CA THR B 114 -36.89 15.64 27.91
C THR B 114 -37.79 14.41 27.85
N LEU B 115 -37.42 13.40 28.64
CA LEU B 115 -38.21 12.19 28.79
C LEU B 115 -38.27 11.83 30.27
N THR B 116 -39.47 11.61 30.79
CA THR B 116 -39.66 11.27 32.20
C THR B 116 -40.69 10.16 32.31
N VAL B 117 -40.61 9.41 33.41
CA VAL B 117 -41.46 8.25 33.65
C VAL B 117 -42.15 8.40 35.00
N SER B 118 -43.43 8.06 35.05
CA SER B 118 -44.20 8.17 36.28
C SER B 118 -43.63 7.26 37.37
N GLU C 1 -15.81 -1.56 29.46
CA GLU C 1 -16.05 -0.10 29.29
C GLU C 1 -14.89 0.70 29.89
N ASN C 2 -14.21 1.47 29.04
CA ASN C 2 -13.04 2.24 29.47
C ASN C 2 -13.51 3.50 30.18
N VAL C 3 -13.52 3.46 31.51
CA VAL C 3 -14.00 4.60 32.30
C VAL C 3 -12.95 5.70 32.32
N LEU C 4 -13.41 6.94 32.20
CA LEU C 4 -12.56 8.12 32.31
C LEU C 4 -12.88 8.86 33.61
N THR C 5 -11.85 9.22 34.37
CA THR C 5 -12.00 9.95 35.61
C THR C 5 -11.33 11.32 35.48
N GLN C 6 -12.04 12.37 35.88
CA GLN C 6 -11.52 13.73 35.88
C GLN C 6 -11.22 14.15 37.31
N SER C 7 -10.02 14.72 37.52
CA SER C 7 -9.57 14.92 38.91
C SER C 7 -10.39 15.97 39.65
N PRO C 8 -10.46 17.23 39.22
CA PRO C 8 -11.11 18.26 40.04
C PRO C 8 -12.62 18.17 39.95
N ALA C 9 -13.28 18.04 41.10
CA ALA C 9 -14.73 17.98 41.13
C ALA C 9 -15.34 19.31 40.69
N ILE C 10 -14.79 20.42 41.15
CA ILE C 10 -15.30 21.75 40.80
C ILE C 10 -14.16 22.74 41.02
N MET C 11 -14.24 23.88 40.34
CA MET C 11 -13.23 24.92 40.43
C MET C 11 -13.89 26.29 40.51
N SER C 12 -13.34 27.15 41.38
CA SER C 12 -13.70 28.56 41.44
C SER C 12 -12.43 29.36 41.27
N THR C 13 -12.43 30.31 40.33
CA THR C 13 -11.23 31.04 39.97
C THR C 13 -11.53 32.52 39.80
N SER C 14 -10.63 33.36 40.31
CA SER C 14 -10.64 34.77 39.95
C SER C 14 -10.12 34.94 38.54
N PRO C 15 -10.42 36.08 37.88
CA PRO C 15 -10.01 36.32 36.49
C PRO C 15 -8.54 36.74 36.34
N GLY C 16 -7.66 36.09 37.10
CA GLY C 16 -6.26 36.44 37.10
C GLY C 16 -5.29 35.28 37.21
N GLU C 17 -5.65 34.11 36.68
CA GLU C 17 -4.85 32.91 36.92
C GLU C 17 -5.01 31.95 35.76
N LYS C 18 -4.17 30.91 35.77
CA LYS C 18 -4.19 29.84 34.79
C LYS C 18 -4.37 28.52 35.51
N VAL C 19 -5.07 27.58 34.87
CA VAL C 19 -5.47 26.33 35.51
C VAL C 19 -5.31 25.17 34.54
N THR C 20 -5.28 23.96 35.10
CA THR C 20 -5.12 22.72 34.34
C THR C 20 -6.14 21.70 34.83
N MET C 21 -6.81 21.03 33.90
CA MET C 21 -7.79 20.00 34.21
C MET C 21 -7.26 18.64 33.73
N THR C 22 -7.36 17.64 34.60
CA THR C 22 -6.78 16.32 34.37
C THR C 22 -7.87 15.31 34.04
N CYS C 23 -7.64 14.51 32.99
CA CYS C 23 -8.52 13.42 32.61
C CYS C 23 -7.70 12.14 32.52
N ARG C 24 -8.06 11.14 33.33
CA ARG C 24 -7.30 9.90 33.45
C ARG C 24 -8.18 8.72 33.05
N ALA C 25 -7.62 7.81 32.25
CA ALA C 25 -8.37 6.68 31.71
C ALA C 25 -8.08 5.40 32.47
N SER C 26 -9.01 4.45 32.37
CA SER C 26 -8.76 3.10 32.89
C SER C 26 -7.82 2.34 31.97
N SER C 27 -7.83 2.65 30.68
CA SER C 27 -6.94 2.03 29.71
C SER C 27 -6.44 3.10 28.75
N SER C 28 -5.23 2.87 28.22
CA SER C 28 -4.61 3.85 27.35
C SER C 28 -5.43 4.04 26.08
N VAL C 29 -5.45 5.28 25.59
CA VAL C 29 -6.17 5.66 24.37
C VAL C 29 -5.24 6.48 23.49
N GLY C 30 -5.35 6.29 22.18
CA GLY C 30 -4.50 7.01 21.26
C GLY C 30 -4.74 8.50 21.31
N SER C 31 -3.69 9.26 20.95
CA SER C 31 -3.77 10.71 20.98
C SER C 31 -4.82 11.27 20.04
N SER C 32 -5.17 10.52 18.99
CA SER C 32 -6.14 11.00 18.00
C SER C 32 -7.59 10.78 18.44
N TYR C 33 -7.84 10.17 19.60
CA TYR C 33 -9.18 9.75 19.97
C TYR C 33 -9.63 10.27 21.33
N LEU C 34 -9.16 11.45 21.75
CA LEU C 34 -9.67 12.08 22.97
C LEU C 34 -10.02 13.53 22.66
N HIS C 35 -11.23 13.94 23.03
CA HIS C 35 -11.73 15.27 22.75
C HIS C 35 -12.28 15.88 24.04
N TRP C 36 -12.26 17.22 24.11
CA TRP C 36 -12.87 17.96 25.21
C TRP C 36 -14.02 18.80 24.69
N TYR C 37 -15.06 18.93 25.52
CA TYR C 37 -16.28 19.63 25.18
C TYR C 37 -16.57 20.74 26.19
N GLN C 38 -17.30 21.76 25.74
CA GLN C 38 -17.83 22.81 26.60
C GLN C 38 -19.33 22.66 26.72
N GLN C 39 -19.85 22.89 27.93
CA GLN C 39 -21.28 23.03 28.15
C GLN C 39 -21.54 24.27 29.01
N LYS C 40 -22.12 25.30 28.39
CA LYS C 40 -22.63 26.43 29.17
C LYS C 40 -23.85 25.99 29.96
N SER C 41 -23.96 26.48 31.19
CA SER C 41 -25.07 26.07 32.05
C SER C 41 -26.40 26.38 31.37
N GLY C 42 -27.24 25.37 31.24
CA GLY C 42 -28.54 25.53 30.61
C GLY C 42 -28.54 25.45 29.10
N ALA C 43 -27.48 24.93 28.49
CA ALA C 43 -27.40 24.83 27.03
C ALA C 43 -26.71 23.54 26.65
N SER C 44 -26.87 23.15 25.36
CA SER C 44 -26.29 21.91 24.86
C SER C 44 -24.77 22.07 24.65
N PRO C 45 -23.99 21.01 24.86
CA PRO C 45 -22.54 21.13 24.73
C PRO C 45 -22.12 21.54 23.32
N LYS C 46 -20.83 21.86 23.20
CA LYS C 46 -20.18 22.14 21.93
C LYS C 46 -18.75 21.64 21.97
N LEU C 47 -18.23 21.22 20.82
CA LEU C 47 -16.88 20.70 20.75
C LEU C 47 -15.87 21.82 21.03
N TRP C 48 -14.87 21.50 21.84
CA TRP C 48 -13.90 22.48 22.30
C TRP C 48 -12.49 22.15 21.84
N ILE C 49 -12.00 20.94 22.11
CA ILE C 49 -10.69 20.48 21.70
C ILE C 49 -10.84 19.10 21.11
N TYR C 50 -10.04 18.80 20.07
CA TYR C 50 -10.06 17.49 19.46
C TYR C 50 -8.64 17.07 19.10
N SER C 51 -8.44 15.76 19.00
CA SER C 51 -7.12 15.16 18.78
C SER C 51 -6.11 15.66 19.81
N THR C 52 -6.60 15.84 21.04
CA THR C 52 -5.78 16.06 22.22
C THR C 52 -5.09 17.42 22.26
N SER C 53 -5.00 18.13 21.14
CA SER C 53 -4.53 19.51 21.19
C SER C 53 -5.13 20.45 20.16
N ASN C 54 -5.91 19.98 19.20
CA ASN C 54 -6.41 20.88 18.16
C ASN C 54 -7.61 21.67 18.66
N LEU C 55 -7.64 22.96 18.31
CA LEU C 55 -8.57 23.90 18.89
C LEU C 55 -9.76 24.09 17.95
N ALA C 56 -10.95 24.10 18.53
CA ALA C 56 -12.18 24.17 17.74
C ALA C 56 -12.34 25.51 17.05
N SER C 57 -13.44 25.67 16.31
CA SER C 57 -13.59 26.80 15.40
C SER C 57 -13.66 28.14 16.11
N GLY C 58 -14.11 28.19 17.36
CA GLY C 58 -14.36 29.46 18.01
C GLY C 58 -13.79 29.59 19.41
N VAL C 59 -12.97 28.61 19.79
CA VAL C 59 -12.41 28.59 21.15
C VAL C 59 -11.39 29.71 21.29
N PRO C 60 -11.31 30.41 22.45
CA PRO C 60 -10.54 31.67 22.52
C PRO C 60 -9.04 31.57 22.28
N ALA C 61 -8.51 30.37 22.07
CA ALA C 61 -7.08 30.16 21.80
C ALA C 61 -6.21 30.39 23.03
N ARG C 62 -6.80 30.78 24.16
CA ARG C 62 -6.10 30.62 25.42
C ARG C 62 -6.08 29.16 25.86
N PHE C 63 -6.99 28.36 25.33
CA PHE C 63 -7.09 26.94 25.65
C PHE C 63 -6.04 26.14 24.89
N SER C 64 -5.46 25.16 25.58
CA SER C 64 -4.54 24.23 24.94
C SER C 64 -4.51 22.93 25.74
N GLY C 65 -4.33 21.82 25.04
CA GLY C 65 -4.31 20.51 25.67
C GLY C 65 -3.00 19.78 25.40
N SER C 66 -2.67 18.86 26.30
CA SER C 66 -1.49 18.02 26.13
C SER C 66 -1.68 16.73 26.91
N GLY C 67 -1.01 15.69 26.48
CA GLY C 67 -1.09 14.40 27.13
C GLY C 67 -0.88 13.28 26.13
N SER C 68 -0.83 12.07 26.66
CA SER C 68 -0.65 10.88 25.84
C SER C 68 -0.93 9.65 26.70
N GLY C 69 -1.20 8.54 26.02
CA GLY C 69 -1.39 7.27 26.69
C GLY C 69 -2.55 7.25 27.67
N THR C 70 -2.23 7.11 28.96
CA THR C 70 -3.24 6.91 29.99
C THR C 70 -3.74 8.20 30.61
N SER C 71 -3.03 9.31 30.45
CA SER C 71 -3.38 10.54 31.13
C SER C 71 -3.38 11.69 30.14
N TYR C 72 -4.31 12.61 30.32
CA TYR C 72 -4.46 13.77 29.45
C TYR C 72 -4.88 14.96 30.31
N SER C 73 -4.69 16.16 29.77
CA SER C 73 -5.00 17.37 30.52
C SER C 73 -5.43 18.49 29.58
N LEU C 74 -6.28 19.38 30.10
CA LEU C 74 -6.65 20.63 29.43
C LEU C 74 -6.15 21.79 30.27
N THR C 75 -5.48 22.74 29.62
CA THR C 75 -4.85 23.87 30.29
C THR C 75 -5.39 25.19 29.75
N ILE C 76 -5.51 26.17 30.64
CA ILE C 76 -5.97 27.51 30.30
C ILE C 76 -4.84 28.48 30.61
N SER C 77 -4.37 29.20 29.59
CA SER C 77 -3.27 30.13 29.81
C SER C 77 -3.69 31.27 30.74
N SER C 78 -4.91 31.77 30.61
CA SER C 78 -5.40 32.85 31.46
C SER C 78 -6.91 32.76 31.54
N VAL C 79 -7.44 32.56 32.75
CA VAL C 79 -8.87 32.47 32.94
C VAL C 79 -9.49 33.88 32.89
N GLU C 80 -10.76 33.94 32.54
CA GLU C 80 -11.45 35.21 32.39
C GLU C 80 -12.95 34.97 32.51
N ALA C 81 -13.69 36.07 32.62
CA ALA C 81 -15.14 36.00 32.71
C ALA C 81 -15.73 35.42 31.43
N GLU C 82 -16.93 34.87 31.55
CA GLU C 82 -17.62 34.22 30.43
C GLU C 82 -16.94 32.92 30.02
N ASP C 83 -15.89 32.52 30.73
CA ASP C 83 -15.29 31.20 30.54
C ASP C 83 -15.94 30.14 31.41
N ALA C 84 -16.88 30.53 32.28
CA ALA C 84 -17.54 29.58 33.17
C ALA C 84 -18.35 28.57 32.36
N ALA C 85 -18.10 27.28 32.61
CA ALA C 85 -18.83 26.21 31.95
C ALA C 85 -18.38 24.88 32.56
N THR C 86 -19.03 23.81 32.14
CA THR C 86 -18.65 22.45 32.52
C THR C 86 -17.97 21.80 31.33
N TYR C 87 -16.78 21.23 31.56
CA TYR C 87 -15.95 20.67 30.51
C TYR C 87 -15.80 19.17 30.71
N TYR C 88 -15.99 18.42 29.63
CA TYR C 88 -15.93 16.96 29.66
C TYR C 88 -14.86 16.45 28.72
N CYS C 89 -14.14 15.41 29.15
CA CYS C 89 -13.25 14.68 28.27
C CYS C 89 -13.94 13.41 27.78
N GLN C 90 -13.73 13.09 26.51
CA GLN C 90 -14.44 12.00 25.85
C GLN C 90 -13.45 11.10 25.14
N GLN C 91 -13.61 9.78 25.30
CA GLN C 91 -12.83 8.81 24.55
C GLN C 91 -13.60 8.36 23.30
N PHE C 92 -12.86 8.18 22.20
CA PHE C 92 -13.48 7.85 20.92
C PHE C 92 -12.70 6.77 20.16
N SER C 93 -11.87 5.98 20.83
CA SER C 93 -11.08 4.97 20.14
C SER C 93 -11.83 3.67 19.93
N GLY C 94 -12.76 3.33 20.81
CA GLY C 94 -13.44 2.05 20.74
C GLY C 94 -14.71 2.09 21.55
N TYR C 95 -15.59 1.13 21.26
CA TYR C 95 -16.92 1.18 21.83
C TYR C 95 -16.99 0.39 23.14
N PRO C 96 -17.87 0.78 24.07
CA PRO C 96 -18.77 1.94 24.01
C PRO C 96 -18.04 3.25 24.25
N LEU C 97 -18.51 4.34 23.64
CA LEU C 97 -17.92 5.65 23.88
C LEU C 97 -18.22 6.09 25.31
N THR C 98 -17.27 6.78 25.91
CA THR C 98 -17.36 7.15 27.32
C THR C 98 -17.00 8.62 27.51
N PHE C 99 -17.76 9.30 28.36
CA PHE C 99 -17.48 10.66 28.78
C PHE C 99 -16.97 10.69 30.21
N GLY C 100 -16.00 11.56 30.47
CA GLY C 100 -15.51 11.75 31.82
C GLY C 100 -16.56 12.35 32.73
N SER C 101 -16.28 12.31 34.03
CA SER C 101 -17.22 12.82 35.02
C SER C 101 -17.49 14.30 34.87
N GLY C 102 -16.62 15.04 34.18
CA GLY C 102 -16.82 16.46 33.97
C GLY C 102 -16.50 17.31 35.19
N THR C 103 -16.07 18.54 34.95
CA THR C 103 -15.72 19.48 36.00
C THR C 103 -16.22 20.87 35.63
N LYS C 104 -16.68 21.62 36.62
CA LYS C 104 -17.29 22.92 36.43
C LYS C 104 -16.36 24.03 36.91
N LEU C 105 -16.21 25.06 36.09
CA LEU C 105 -15.47 26.27 36.45
C LEU C 105 -16.48 27.37 36.76
N GLU C 106 -16.34 27.99 37.92
CA GLU C 106 -17.25 29.03 38.38
C GLU C 106 -16.41 30.18 38.95
N MET C 107 -17.09 31.10 39.64
CA MET C 107 -16.44 32.25 40.27
C MET C 107 -16.03 33.31 39.23
C1 TAU D . 8.08 -6.24 -6.71
C2 TAU D . 9.07 -5.19 -7.21
N1 TAU D . 7.14 -6.64 -7.74
S TAU D . 10.40 -4.92 -6.09
O1 TAU D . 9.90 -4.08 -5.04
O2 TAU D . 10.63 -6.35 -5.60
O3 TAU D . 11.53 -4.51 -6.86
NA NA E . 12.96 -5.83 -1.25
NA NA F . 9.17 -0.74 -5.99
CL CL G . 9.92 3.14 -9.51
#